data_1R0Z
#
_entry.id   1R0Z
#
_cell.length_a   171.33
_cell.length_b   171.33
_cell.length_c   109.87
_cell.angle_alpha   90.00
_cell.angle_beta   90.00
_cell.angle_gamma   90.00
#
_symmetry.space_group_name_H-M   'P 4 21 2'
#
loop_
_entity.id
_entity.type
_entity.pdbx_description
1 polymer 'Cystic fibrosis transmembrane conductance regulator'
2 non-polymer 'MAGNESIUM ION'
3 non-polymer "ADENOSINE-5'-TRIPHOSPHATE"
4 non-polymer 'ACETIC ACID'
5 water water
#
_entity_poly.entity_id   1
_entity_poly.type   'polypeptide(L)'
_entity_poly.pdbx_seq_one_letter_code
;STTGIIMENVTAFWEEGFGELLEKVQQSNGDRKH(SEP)SDENNVSFSHLCLVGNPVLKNINLNIEKGEMLAITGSTGSG
KTSLLMLILGELEASEGIIKHSGRVSFCSQFSWIMPGTIKENIIFGVSYDEYRYKSVVKACQLQQDITKFAEQDNTVLGE
GGVTLSGGQRARISLARAVYKDADLYLLDSPFGYLDVFTEEQVFESCVCKLMANKTRILVTSKMEHLRKADKILILHQGS
SYFYGTFSELQSLRPDFSSKLMGYDTFDQFTEERR(SEP)(SEP)ILTETLRRF(SEP)VDD
;
_entity_poly.pdbx_strand_id   A,B,C,D
#
loop_
_chem_comp.id
_chem_comp.type
_chem_comp.name
_chem_comp.formula
ACY non-polymer 'ACETIC ACID' 'C2 H4 O2'
ATP non-polymer ADENOSINE-5'-TRIPHOSPHATE 'C10 H16 N5 O13 P3'
MG non-polymer 'MAGNESIUM ION' 'Mg 2'
#
# COMPACT_ATOMS: atom_id res chain seq x y z
N THR A 3 -25.38 21.78 -14.17
CA THR A 3 -26.47 20.93 -13.56
C THR A 3 -26.19 19.50 -13.97
N GLY A 4 -26.69 19.12 -15.14
CA GLY A 4 -26.45 17.78 -15.66
C GLY A 4 -25.52 17.85 -16.85
N ILE A 5 -26.08 18.04 -18.02
CA ILE A 5 -25.25 18.17 -19.20
C ILE A 5 -25.95 18.96 -20.30
N ILE A 6 -25.21 19.90 -20.87
CA ILE A 6 -25.74 20.71 -21.95
C ILE A 6 -24.80 20.70 -23.12
N MET A 7 -25.39 20.54 -24.30
CA MET A 7 -24.69 20.77 -25.55
C MET A 7 -25.50 21.76 -26.38
N GLU A 8 -24.83 22.82 -26.81
CA GLU A 8 -25.45 23.84 -27.64
C GLU A 8 -24.77 23.92 -29.00
N ASN A 9 -25.54 23.59 -30.03
CA ASN A 9 -25.08 23.65 -31.40
C ASN A 9 -23.62 23.10 -31.55
N VAL A 10 -23.42 21.84 -31.15
CA VAL A 10 -22.07 21.28 -31.13
C VAL A 10 -21.77 20.54 -32.43
N THR A 11 -20.58 20.78 -32.96
CA THR A 11 -20.10 20.05 -34.11
C THR A 11 -18.70 19.56 -33.79
N ALA A 12 -18.41 18.31 -34.15
CA ALA A 12 -17.08 17.73 -33.92
C ALA A 12 -16.55 17.02 -35.16
N PHE A 13 -15.31 17.34 -35.53
CA PHE A 13 -14.74 16.84 -36.76
C PHE A 13 -13.88 15.61 -36.49
N TRP A 14 -13.69 14.78 -37.53
CA TRP A 14 -12.75 13.66 -37.48
C TRP A 14 -11.36 14.22 -37.28
N GLU A 15 -10.69 13.70 -36.25
CA GLU A 15 -9.30 14.07 -35.96
C GLU A 15 -8.48 12.75 -35.96
N GLU A 16 -7.20 12.86 -36.28
CA GLU A 16 -6.32 11.68 -36.29
C GLU A 16 -6.38 10.86 -35.00
N GLY A 17 -6.55 9.55 -35.16
CA GLY A 17 -6.46 8.65 -34.03
C GLY A 17 -7.81 8.25 -33.49
N PHE A 18 -8.81 9.09 -33.78
CA PHE A 18 -10.14 8.87 -33.25
C PHE A 18 -10.73 7.57 -33.79
N GLY A 19 -10.48 7.29 -35.07
CA GLY A 19 -10.97 6.04 -35.64
C GLY A 19 -10.40 4.77 -35.00
N GLU A 20 -9.11 4.79 -34.69
CA GLU A 20 -8.44 3.66 -34.07
C GLU A 20 -8.98 3.44 -32.65
N LEU A 21 -9.22 4.55 -31.94
CA LEU A 21 -9.85 4.50 -30.63
C LEU A 21 -11.19 3.81 -30.72
N LEU A 22 -11.98 4.15 -31.75
CA LEU A 22 -13.31 3.56 -31.92
C LEU A 22 -13.21 2.06 -32.21
N GLU A 23 -12.11 1.64 -32.79
CA GLU A 23 -11.94 0.25 -33.14
C GLU A 23 -11.43 -0.50 -31.92
N LYS A 24 -10.70 0.22 -31.07
CA LYS A 24 -10.17 -0.35 -29.86
C LYS A 24 -11.28 -0.74 -28.91
N VAL A 25 -12.44 -0.09 -29.02
CA VAL A 25 -13.64 -0.59 -28.35
C VAL A 25 -14.07 -1.88 -29.07
N GLN A 26 -13.87 -3.00 -28.38
CA GLN A 26 -13.67 -4.36 -28.96
C GLN A 26 -12.16 -4.64 -29.04
N LYS A 33 -24.61 -8.05 -39.09
CA LYS A 33 -23.45 -7.12 -38.90
C LYS A 33 -23.08 -6.42 -40.21
N HIS A 34 -22.95 -5.10 -40.10
CA HIS A 34 -22.69 -4.21 -41.22
C HIS A 34 -21.25 -3.67 -41.19
N SEP A 35 -20.33 -4.60 -40.95
CA SEP A 35 -18.91 -4.36 -41.13
CB SEP A 35 -18.06 -5.35 -40.31
OG SEP A 35 -18.10 -6.64 -40.96
C SEP A 35 -18.57 -4.42 -42.62
O SEP A 35 -17.62 -3.76 -43.07
P SEP A 35 -16.78 -7.61 -40.73
O1P SEP A 35 -16.23 -7.93 -42.22
O2P SEP A 35 -17.19 -8.99 -39.97
O3P SEP A 35 -15.87 -6.76 -39.65
N SER A 36 -19.35 -5.19 -43.38
CA SER A 36 -19.33 -5.13 -44.83
C SER A 36 -19.72 -3.74 -45.37
N ASP A 37 -20.52 -2.98 -44.62
CA ASP A 37 -20.89 -1.61 -45.00
C ASP A 37 -19.69 -0.64 -44.87
N GLU A 38 -18.71 -1.02 -44.04
CA GLU A 38 -17.60 -0.14 -43.67
C GLU A 38 -16.30 -0.31 -44.48
N ASN A 39 -16.34 -1.08 -45.57
CA ASN A 39 -15.06 -1.59 -46.09
C ASN A 39 -14.26 -0.67 -47.02
N ASN A 40 -14.78 0.53 -47.32
CA ASN A 40 -13.97 1.61 -47.88
C ASN A 40 -14.12 2.88 -47.07
N VAL A 41 -14.33 2.72 -45.76
CA VAL A 41 -14.08 3.80 -44.81
C VAL A 41 -12.56 3.89 -44.61
N SER A 42 -12.01 5.07 -44.86
CA SER A 42 -10.60 5.35 -44.54
C SER A 42 -10.58 6.50 -43.52
N PHE A 43 -10.18 6.21 -42.29
CA PHE A 43 -10.14 7.23 -41.25
C PHE A 43 -9.21 8.38 -41.67
N SER A 44 -8.20 8.08 -42.48
CA SER A 44 -7.31 9.11 -42.98
C SER A 44 -8.04 10.09 -43.86
N HIS A 45 -8.83 9.56 -44.78
CA HIS A 45 -9.57 10.40 -45.72
C HIS A 45 -10.58 11.29 -45.05
N LEU A 46 -11.22 10.80 -44.00
CA LEU A 46 -12.16 11.59 -43.23
C LEU A 46 -11.44 12.75 -42.53
N CYS A 47 -10.15 12.56 -42.26
CA CYS A 47 -9.39 13.60 -41.58
C CYS A 47 -8.85 14.61 -42.58
N LEU A 48 -8.47 14.12 -43.75
CA LEU A 48 -7.95 14.97 -44.82
C LEU A 48 -9.03 15.98 -45.24
N VAL A 49 -10.17 15.41 -45.62
CA VAL A 49 -11.33 16.10 -46.18
C VAL A 49 -12.09 17.06 -45.21
N GLY A 50 -11.87 16.94 -43.89
CA GLY A 50 -12.51 17.82 -42.93
C GLY A 50 -14.00 17.54 -42.64
N ASN A 51 -14.30 16.40 -42.07
CA ASN A 51 -15.69 15.92 -42.03
C ASN A 51 -16.26 15.79 -40.63
N PRO A 52 -17.47 16.29 -40.42
CA PRO A 52 -18.08 16.15 -39.09
C PRO A 52 -18.32 14.69 -38.81
N VAL A 53 -18.05 14.26 -37.59
CA VAL A 53 -18.62 12.99 -37.16
C VAL A 53 -19.95 13.28 -36.49
N LEU A 54 -20.06 14.44 -35.85
CA LEU A 54 -21.32 14.89 -35.26
C LEU A 54 -21.58 16.34 -35.62
N LYS A 55 -22.83 16.66 -35.95
CA LYS A 55 -23.13 17.97 -36.50
C LYS A 55 -24.36 18.60 -35.88
N ASN A 56 -24.22 19.84 -35.43
CA ASN A 56 -25.33 20.59 -34.81
C ASN A 56 -26.08 19.76 -33.75
N ILE A 57 -25.35 19.22 -32.80
CA ILE A 57 -26.00 18.48 -31.72
C ILE A 57 -26.49 19.44 -30.61
N ASN A 58 -27.76 19.33 -30.26
CA ASN A 58 -28.27 20.10 -29.14
C ASN A 58 -28.89 19.15 -28.11
N LEU A 59 -28.55 19.37 -26.85
CA LEU A 59 -29.29 18.73 -25.77
C LEU A 59 -29.15 19.49 -24.45
N ASN A 60 -30.19 19.39 -23.63
CA ASN A 60 -30.14 19.93 -22.30
C ASN A 60 -30.71 18.91 -21.29
N ILE A 61 -29.82 18.30 -20.50
CA ILE A 61 -30.24 17.24 -19.60
C ILE A 61 -30.04 17.72 -18.17
N GLU A 62 -31.11 17.66 -17.38
CA GLU A 62 -31.06 18.08 -15.99
C GLU A 62 -30.48 17.01 -15.05
N LYS A 63 -29.96 17.43 -13.90
CA LYS A 63 -29.55 16.49 -12.85
C LYS A 63 -30.57 15.40 -12.63
N GLY A 64 -30.11 14.14 -12.62
CA GLY A 64 -31.00 13.03 -12.36
C GLY A 64 -31.92 12.59 -13.49
N GLU A 65 -31.86 13.26 -14.64
CA GLU A 65 -32.62 12.82 -15.81
C GLU A 65 -31.91 11.67 -16.58
N MET A 66 -32.69 10.98 -17.39
CA MET A 66 -32.16 9.93 -18.24
C MET A 66 -32.39 10.33 -19.71
N LEU A 67 -31.30 10.46 -20.45
CA LEU A 67 -31.35 10.67 -21.90
C LEU A 67 -31.22 9.29 -22.58
N ALA A 68 -32.16 8.97 -23.47
CA ALA A 68 -32.06 7.77 -24.30
C ALA A 68 -31.54 8.19 -25.69
N ILE A 69 -30.41 7.60 -26.11
CA ILE A 69 -29.84 7.87 -27.41
C ILE A 69 -30.03 6.64 -28.27
N THR A 70 -30.64 6.82 -29.44
CA THR A 70 -30.86 5.74 -30.37
C THR A 70 -30.62 6.31 -31.77
N GLY A 71 -31.00 5.55 -32.81
CA GLY A 71 -30.68 5.97 -34.15
C GLY A 71 -30.31 4.81 -35.06
N SER A 72 -29.83 5.14 -36.26
CA SER A 72 -29.46 4.12 -37.25
C SER A 72 -28.07 3.65 -36.91
N THR A 73 -27.70 2.47 -37.39
CA THR A 73 -26.39 1.94 -37.07
C THR A 73 -25.33 2.79 -37.72
N GLY A 74 -24.22 2.98 -37.01
CA GLY A 74 -23.19 3.91 -37.46
C GLY A 74 -23.58 5.39 -37.47
N SER A 75 -24.54 5.80 -36.67
CA SER A 75 -24.96 7.22 -36.67
C SER A 75 -24.17 8.19 -35.79
N GLY A 76 -23.23 7.70 -35.00
CA GLY A 76 -22.48 8.60 -34.12
C GLY A 76 -22.82 8.47 -32.63
N LYS A 77 -23.57 7.44 -32.27
CA LYS A 77 -23.98 7.27 -30.87
C LYS A 77 -22.78 7.14 -29.91
N THR A 78 -21.83 6.26 -30.22
CA THR A 78 -20.65 6.07 -29.37
C THR A 78 -19.77 7.32 -29.40
N SER A 79 -19.72 7.94 -30.58
CA SER A 79 -18.87 9.09 -30.80
C SER A 79 -19.33 10.22 -29.87
N LEU A 80 -20.63 10.40 -29.74
CA LEU A 80 -21.18 11.40 -28.83
C LEU A 80 -20.71 11.12 -27.40
N LEU A 81 -20.76 9.85 -26.99
CA LEU A 81 -20.22 9.46 -25.68
C LEU A 81 -18.74 9.87 -25.56
N MET A 82 -17.96 9.65 -26.62
CA MET A 82 -16.54 9.95 -26.58
C MET A 82 -16.31 11.43 -26.46
N LEU A 83 -17.20 12.19 -27.09
CA LEU A 83 -17.17 13.63 -27.03
C LEU A 83 -17.29 14.06 -25.56
N ILE A 84 -18.30 13.52 -24.87
CA ILE A 84 -18.40 13.73 -23.42
C ILE A 84 -17.16 13.32 -22.65
N LEU A 85 -16.52 12.23 -23.04
CA LEU A 85 -15.36 11.75 -22.30
C LEU A 85 -14.10 12.56 -22.60
N GLY A 86 -14.19 13.47 -23.57
CA GLY A 86 -13.03 14.27 -23.93
C GLY A 86 -12.06 13.61 -24.92
N GLU A 87 -12.49 12.52 -25.55
CA GLU A 87 -11.66 11.86 -26.55
C GLU A 87 -11.87 12.49 -27.92
N LEU A 88 -13.01 13.17 -28.08
CA LEU A 88 -13.29 13.96 -29.26
C LEU A 88 -13.51 15.42 -28.82
N GLU A 89 -13.07 16.41 -29.59
CA GLU A 89 -13.30 17.80 -29.17
C GLU A 89 -14.32 18.50 -30.01
N ALA A 90 -15.11 19.33 -29.36
CA ALA A 90 -16.07 20.16 -30.09
C ALA A 90 -15.28 21.22 -30.84
N SER A 91 -15.56 21.36 -32.14
CA SER A 91 -14.85 22.32 -32.95
C SER A 91 -15.71 23.58 -32.99
N GLU A 92 -17.02 23.38 -33.02
CA GLU A 92 -18.01 24.44 -32.77
C GLU A 92 -18.85 24.08 -31.56
N GLY A 93 -19.50 25.08 -30.96
CA GLY A 93 -20.52 24.81 -29.97
C GLY A 93 -19.99 24.72 -28.55
N ILE A 94 -20.92 24.56 -27.61
CA ILE A 94 -20.59 24.54 -26.19
C ILE A 94 -21.05 23.24 -25.53
N ILE A 95 -20.16 22.65 -24.76
CA ILE A 95 -20.48 21.50 -23.93
C ILE A 95 -20.27 21.83 -22.45
N LYS A 96 -21.33 21.74 -21.63
CA LYS A 96 -21.17 21.89 -20.17
C LYS A 96 -21.57 20.64 -19.41
N HIS A 97 -20.65 20.11 -18.62
CA HIS A 97 -20.98 19.14 -17.59
C HIS A 97 -19.77 19.17 -16.70
N SER A 98 -19.97 18.81 -15.44
CA SER A 98 -18.83 18.84 -14.54
C SER A 98 -18.86 17.55 -13.75
N GLY A 99 -17.75 17.24 -13.10
CA GLY A 99 -17.75 16.07 -12.26
C GLY A 99 -17.25 14.81 -12.96
N ARG A 100 -17.00 13.80 -12.12
CA ARG A 100 -16.53 12.51 -12.56
C ARG A 100 -17.58 11.90 -13.50
N VAL A 101 -17.12 11.29 -14.58
CA VAL A 101 -18.03 10.49 -15.34
C VAL A 101 -17.65 9.02 -15.31
N SER A 102 -18.66 8.17 -15.44
CA SER A 102 -18.45 6.74 -15.44
C SER A 102 -18.96 6.20 -16.76
N PHE A 103 -18.15 5.37 -17.40
CA PHE A 103 -18.38 4.91 -18.75
C PHE A 103 -18.45 3.39 -18.81
N CYS A 104 -19.55 2.89 -19.37
CA CYS A 104 -19.74 1.46 -19.62
C CYS A 104 -19.74 1.27 -21.15
N SER A 105 -18.65 0.74 -21.69
CA SER A 105 -18.54 0.61 -23.14
C SER A 105 -19.34 -0.57 -23.70
N GLN A 106 -19.56 -0.51 -25.00
CA GLN A 106 -20.11 -1.62 -25.79
C GLN A 106 -19.31 -2.90 -25.56
N PHE A 107 -18.00 -2.83 -25.69
CA PHE A 107 -17.17 -4.00 -25.41
C PHE A 107 -17.11 -4.20 -23.88
N SER A 108 -17.58 -5.36 -23.41
CA SER A 108 -17.47 -5.71 -21.98
C SER A 108 -16.08 -6.22 -21.59
N TRP A 109 -15.27 -5.40 -20.98
CA TRP A 109 -14.00 -5.90 -20.53
C TRP A 109 -14.03 -6.53 -19.14
N ILE A 110 -13.06 -7.44 -18.93
CA ILE A 110 -13.01 -8.30 -17.75
C ILE A 110 -11.53 -8.39 -17.38
N MET A 111 -11.16 -8.00 -16.17
CA MET A 111 -9.77 -8.14 -15.74
C MET A 111 -9.55 -9.48 -15.03
N PRO A 112 -8.28 -9.92 -14.95
CA PRO A 112 -7.96 -11.09 -14.13
C PRO A 112 -8.38 -10.85 -12.69
N GLY A 113 -9.17 -11.78 -12.16
CA GLY A 113 -9.61 -11.69 -10.78
C GLY A 113 -10.99 -12.27 -10.60
N THR A 114 -11.59 -12.05 -9.43
CA THR A 114 -12.92 -12.55 -9.15
C THR A 114 -13.95 -11.62 -9.75
N ILE A 115 -15.14 -12.17 -9.94
CA ILE A 115 -16.30 -11.40 -10.31
C ILE A 115 -16.39 -10.17 -9.41
N LYS A 116 -16.32 -10.38 -8.10
CA LYS A 116 -16.42 -9.28 -7.16
C LYS A 116 -15.29 -8.25 -7.40
N GLU A 117 -14.04 -8.72 -7.53
CA GLU A 117 -12.89 -7.86 -7.85
C GLU A 117 -13.10 -7.07 -9.15
N ASN A 118 -13.77 -7.67 -10.13
CA ASN A 118 -14.16 -6.94 -11.34
C ASN A 118 -15.14 -5.79 -11.12
N ILE A 119 -16.14 -6.00 -10.27
CA ILE A 119 -17.15 -4.96 -10.05
C ILE A 119 -16.58 -3.79 -9.23
N ILE A 120 -15.72 -4.07 -8.27
CA ILE A 120 -15.15 -2.98 -7.49
C ILE A 120 -13.74 -2.61 -7.98
N PHE A 121 -13.45 -2.82 -9.25
CA PHE A 121 -12.09 -2.68 -9.73
C PHE A 121 -11.56 -1.25 -9.55
N GLY A 122 -10.51 -1.12 -8.73
CA GLY A 122 -9.88 0.16 -8.48
C GLY A 122 -10.57 1.11 -7.53
N VAL A 123 -11.52 0.62 -6.74
CA VAL A 123 -12.41 1.49 -5.97
C VAL A 123 -12.55 0.91 -4.56
N SER A 124 -12.91 1.71 -3.57
CA SER A 124 -13.00 1.17 -2.22
C SER A 124 -14.28 0.33 -2.10
N TYR A 125 -14.15 -0.81 -1.42
CA TYR A 125 -15.27 -1.66 -1.06
C TYR A 125 -16.21 -1.07 0.00
N ASP A 126 -17.50 -1.11 -0.30
CA ASP A 126 -18.53 -0.72 0.65
C ASP A 126 -19.62 -1.77 0.52
N GLU A 127 -19.84 -2.54 1.59
CA GLU A 127 -20.76 -3.65 1.51
C GLU A 127 -22.18 -3.30 1.02
N TYR A 128 -22.82 -2.28 1.59
CA TYR A 128 -24.20 -1.96 1.21
C TYR A 128 -24.22 -1.55 -0.26
N ARG A 129 -23.16 -0.86 -0.69
CA ARG A 129 -23.14 -0.34 -2.03
C ARG A 129 -23.05 -1.54 -2.96
N TYR A 130 -22.13 -2.45 -2.65
CA TYR A 130 -21.81 -3.59 -3.49
C TYR A 130 -23.03 -4.50 -3.63
N LYS A 131 -23.56 -4.96 -2.51
CA LYS A 131 -24.69 -5.87 -2.50
C LYS A 131 -25.84 -5.25 -3.28
N SER A 132 -25.97 -3.96 -3.14
CA SER A 132 -27.02 -3.23 -3.81
C SER A 132 -26.85 -3.22 -5.36
N VAL A 133 -25.62 -3.02 -5.83
CA VAL A 133 -25.37 -3.00 -7.26
C VAL A 133 -25.50 -4.41 -7.84
N VAL A 134 -24.94 -5.41 -7.17
CA VAL A 134 -25.07 -6.78 -7.57
C VAL A 134 -26.55 -7.14 -7.78
N LYS A 135 -27.39 -6.85 -6.79
CA LYS A 135 -28.79 -7.19 -6.89
C LYS A 135 -29.48 -6.48 -8.06
N ALA A 136 -29.32 -5.16 -8.20
CA ALA A 136 -30.04 -4.43 -9.26
C ALA A 136 -29.56 -4.74 -10.68
N CYS A 137 -28.32 -5.22 -10.81
CA CYS A 137 -27.82 -5.62 -12.12
C CYS A 137 -28.22 -7.08 -12.42
N GLN A 138 -29.01 -7.69 -11.51
CA GLN A 138 -29.47 -9.07 -11.71
C GLN A 138 -28.28 -10.07 -11.79
N LEU A 139 -27.25 -9.85 -10.98
CA LEU A 139 -26.13 -10.78 -10.92
C LEU A 139 -26.33 -11.92 -9.93
N GLN A 140 -27.22 -11.73 -8.96
CA GLN A 140 -27.50 -12.77 -7.97
C GLN A 140 -27.87 -14.12 -8.63
N GLN A 141 -28.67 -14.06 -9.69
CA GLN A 141 -29.01 -15.25 -10.47
C GLN A 141 -27.80 -15.89 -11.13
N ASP A 142 -26.83 -15.10 -11.56
CA ASP A 142 -25.64 -15.67 -12.18
C ASP A 142 -24.71 -16.32 -11.12
N ILE A 143 -24.35 -15.56 -10.08
CA ILE A 143 -23.29 -16.01 -9.17
C ILE A 143 -23.75 -17.20 -8.35
N THR A 144 -25.05 -17.40 -8.26
CA THR A 144 -25.55 -18.44 -7.40
C THR A 144 -25.34 -19.80 -8.07
N LYS A 145 -25.06 -19.76 -9.37
CA LYS A 145 -24.76 -20.95 -10.15
C LYS A 145 -23.34 -21.42 -9.94
N PHE A 146 -22.52 -20.64 -9.24
CA PHE A 146 -21.11 -21.01 -9.15
C PHE A 146 -20.72 -21.49 -7.74
N ALA A 147 -19.80 -22.43 -7.65
CA ALA A 147 -19.40 -22.94 -6.35
C ALA A 147 -18.92 -21.80 -5.39
N GLU A 148 -18.05 -20.91 -5.89
CA GLU A 148 -17.52 -19.82 -5.08
C GLU A 148 -18.26 -18.53 -5.25
N GLN A 149 -19.42 -18.56 -5.91
CA GLN A 149 -20.26 -17.39 -6.09
C GLN A 149 -19.48 -16.19 -6.66
N ASP A 150 -19.64 -15.00 -6.09
CA ASP A 150 -18.88 -13.84 -6.60
C ASP A 150 -17.37 -13.91 -6.26
N ASN A 151 -16.93 -14.93 -5.55
CA ASN A 151 -15.50 -15.15 -5.38
C ASN A 151 -14.92 -16.05 -6.48
N THR A 152 -15.74 -16.38 -7.46
CA THR A 152 -15.29 -17.14 -8.61
C THR A 152 -14.21 -16.36 -9.40
N VAL A 153 -13.09 -17.03 -9.65
CA VAL A 153 -12.04 -16.45 -10.45
C VAL A 153 -12.37 -16.51 -11.95
N LEU A 154 -12.31 -15.36 -12.62
CA LEU A 154 -12.59 -15.39 -14.05
C LEU A 154 -11.28 -15.75 -14.77
N GLY A 155 -11.00 -17.06 -14.71
CA GLY A 155 -9.84 -17.68 -15.34
C GLY A 155 -9.69 -17.47 -16.85
N GLU A 156 -10.46 -16.53 -17.42
CA GLU A 156 -10.15 -15.86 -18.71
C GLU A 156 -10.53 -14.35 -18.69
N GLY A 157 -10.54 -13.71 -19.87
CA GLY A 157 -11.25 -12.46 -20.02
C GLY A 157 -12.75 -12.76 -19.95
N GLY A 158 -13.15 -13.54 -18.93
CA GLY A 158 -14.52 -14.01 -18.86
C GLY A 158 -15.06 -14.70 -20.11
N VAL A 159 -14.17 -15.36 -20.83
CA VAL A 159 -14.49 -15.90 -22.14
C VAL A 159 -15.55 -17.01 -22.14
N THR A 160 -15.72 -17.76 -21.05
CA THR A 160 -16.68 -18.85 -20.97
C THR A 160 -18.02 -18.49 -20.35
N LEU A 161 -18.17 -17.22 -20.01
CA LEU A 161 -19.41 -16.61 -19.48
C LEU A 161 -20.29 -16.28 -20.72
N SER A 162 -21.58 -16.00 -20.54
CA SER A 162 -22.36 -15.52 -21.69
C SER A 162 -22.10 -14.05 -21.95
N GLY A 163 -22.45 -13.59 -23.14
CA GLY A 163 -22.31 -12.17 -23.43
C GLY A 163 -23.11 -11.29 -22.47
N GLY A 164 -24.26 -11.80 -22.04
CA GLY A 164 -25.11 -11.06 -21.10
C GLY A 164 -24.50 -11.00 -19.70
N GLN A 165 -23.93 -12.12 -19.27
CA GLN A 165 -23.15 -12.17 -18.02
C GLN A 165 -21.99 -11.15 -18.00
N ARG A 166 -21.16 -11.14 -19.04
CA ARG A 166 -20.10 -10.15 -19.15
C ARG A 166 -20.67 -8.73 -19.16
N ALA A 167 -21.74 -8.50 -19.89
CA ALA A 167 -22.32 -7.16 -19.96
C ALA A 167 -22.85 -6.73 -18.57
N ARG A 168 -23.38 -7.67 -17.79
CA ARG A 168 -23.92 -7.31 -16.46
C ARG A 168 -22.78 -6.99 -15.46
N ILE A 169 -21.72 -7.76 -15.49
CA ILE A 169 -20.57 -7.48 -14.65
C ILE A 169 -19.98 -6.11 -15.01
N SER A 170 -19.89 -5.85 -16.31
CA SER A 170 -19.34 -4.59 -16.79
C SER A 170 -20.27 -3.40 -16.46
N LEU A 171 -21.59 -3.61 -16.56
CA LEU A 171 -22.57 -2.60 -16.13
C LEU A 171 -22.38 -2.34 -14.62
N ALA A 172 -22.34 -3.40 -13.84
CA ALA A 172 -22.29 -3.28 -12.39
C ALA A 172 -21.02 -2.48 -12.01
N ARG A 173 -19.91 -2.71 -12.73
CA ARG A 173 -18.66 -1.99 -12.48
C ARG A 173 -18.84 -0.51 -12.73
N ALA A 174 -19.48 -0.14 -13.83
CA ALA A 174 -19.65 1.28 -14.10
C ALA A 174 -20.67 1.96 -13.11
N VAL A 175 -21.70 1.20 -12.73
CA VAL A 175 -22.74 1.72 -11.87
C VAL A 175 -22.19 1.86 -10.43
N TYR A 176 -21.29 0.96 -10.04
CA TYR A 176 -20.68 0.99 -8.72
C TYR A 176 -19.78 2.19 -8.48
N LYS A 177 -19.11 2.68 -9.53
CA LYS A 177 -18.35 3.92 -9.48
C LYS A 177 -19.27 5.05 -9.00
N ASP A 178 -18.75 5.84 -8.07
CA ASP A 178 -19.44 7.05 -7.68
C ASP A 178 -19.11 8.14 -8.69
N ALA A 179 -20.11 8.62 -9.40
CA ALA A 179 -19.85 9.62 -10.42
C ALA A 179 -21.05 10.52 -10.59
N ASP A 180 -20.86 11.60 -11.33
CA ASP A 180 -21.93 12.54 -11.53
C ASP A 180 -22.74 12.23 -12.79
N LEU A 181 -22.11 11.59 -13.76
CA LEU A 181 -22.75 11.29 -15.02
C LEU A 181 -22.40 9.85 -15.44
N TYR A 182 -23.42 9.06 -15.78
CA TYR A 182 -23.22 7.69 -16.27
C TYR A 182 -23.53 7.55 -17.74
N LEU A 183 -22.55 7.08 -18.51
CA LEU A 183 -22.67 6.86 -19.95
C LEU A 183 -22.78 5.35 -20.17
N LEU A 184 -23.93 4.88 -20.58
CA LEU A 184 -24.15 3.44 -20.75
C LEU A 184 -24.35 3.08 -22.25
N ASP A 185 -23.31 2.52 -22.87
CA ASP A 185 -23.34 2.28 -24.30
C ASP A 185 -23.79 0.87 -24.67
N SER A 186 -25.08 0.72 -24.91
CA SER A 186 -25.68 -0.50 -25.44
C SER A 186 -25.44 -1.74 -24.59
N PRO A 187 -25.70 -1.65 -23.27
CA PRO A 187 -25.58 -2.88 -22.48
C PRO A 187 -26.63 -3.94 -22.82
N PHE A 188 -27.77 -3.50 -23.35
CA PHE A 188 -28.95 -4.39 -23.49
C PHE A 188 -29.11 -5.00 -24.90
N GLY A 189 -28.11 -5.76 -25.35
CA GLY A 189 -28.06 -6.12 -26.75
C GLY A 189 -27.94 -7.62 -26.96
N TYR A 190 -28.37 -8.46 -26.02
CA TYR A 190 -28.10 -9.90 -26.04
C TYR A 190 -29.39 -10.68 -26.03
N LEU A 191 -29.30 -12.00 -26.23
CA LEU A 191 -30.45 -12.88 -26.29
C LEU A 191 -31.29 -13.04 -24.99
N ASP A 192 -30.67 -12.96 -23.81
CA ASP A 192 -31.47 -13.19 -22.58
C ASP A 192 -32.29 -11.93 -22.25
N VAL A 193 -33.35 -11.80 -23.05
CA VAL A 193 -34.00 -10.55 -23.26
C VAL A 193 -34.91 -10.19 -22.04
N PHE A 194 -35.36 -11.20 -21.31
CA PHE A 194 -36.17 -10.96 -20.10
C PHE A 194 -35.31 -10.49 -18.93
N THR A 195 -34.11 -11.06 -18.81
CA THR A 195 -33.21 -10.54 -17.81
C THR A 195 -32.89 -9.04 -18.08
N GLU A 196 -32.64 -8.67 -19.33
CA GLU A 196 -32.34 -7.28 -19.67
C GLU A 196 -33.47 -6.34 -19.27
N GLU A 197 -34.71 -6.79 -19.40
CA GLU A 197 -35.85 -5.99 -19.03
C GLU A 197 -35.86 -5.78 -17.53
N GLN A 198 -35.53 -6.79 -16.71
CA GLN A 198 -35.47 -6.61 -15.26
C GLN A 198 -34.33 -5.68 -14.90
N VAL A 199 -33.20 -5.80 -15.60
CA VAL A 199 -32.03 -4.98 -15.31
C VAL A 199 -32.32 -3.50 -15.55
N PHE A 200 -32.97 -3.22 -16.67
CA PHE A 200 -33.31 -1.84 -17.04
C PHE A 200 -34.23 -1.24 -15.99
N GLU A 201 -35.20 -2.02 -15.52
CA GLU A 201 -36.17 -1.59 -14.49
C GLU A 201 -35.41 -1.33 -13.19
N SER A 202 -34.67 -2.35 -12.74
CA SER A 202 -34.06 -2.38 -11.41
C SER A 202 -32.85 -1.50 -11.26
N CYS A 203 -32.04 -1.45 -12.31
CA CYS A 203 -30.80 -0.71 -12.23
C CYS A 203 -30.97 0.71 -12.74
N VAL A 204 -31.43 0.85 -13.98
CA VAL A 204 -31.36 2.11 -14.67
C VAL A 204 -32.51 3.00 -14.23
N CYS A 205 -33.69 2.41 -14.06
CA CYS A 205 -34.89 3.14 -13.61
C CYS A 205 -35.03 3.33 -12.09
N LYS A 206 -34.75 2.32 -11.29
CA LYS A 206 -34.88 2.47 -9.86
C LYS A 206 -33.59 2.84 -9.14
N LEU A 207 -32.64 1.90 -9.00
CA LEU A 207 -31.39 2.25 -8.30
C LEU A 207 -30.73 3.57 -8.77
N MET A 208 -30.83 3.93 -10.06
CA MET A 208 -30.15 5.11 -10.60
C MET A 208 -31.11 6.26 -10.88
N ALA A 209 -32.34 6.18 -10.37
CA ALA A 209 -33.36 7.18 -10.70
C ALA A 209 -32.91 8.65 -10.51
N ASN A 210 -31.95 8.88 -9.62
CA ASN A 210 -31.50 10.25 -9.37
C ASN A 210 -30.09 10.52 -9.86
N LYS A 211 -29.53 9.60 -10.65
CA LYS A 211 -28.20 9.83 -11.25
C LYS A 211 -28.42 10.32 -12.65
N THR A 212 -27.70 11.35 -13.06
CA THR A 212 -27.81 11.80 -14.44
C THR A 212 -27.21 10.69 -15.34
N ARG A 213 -27.96 10.22 -16.31
CA ARG A 213 -27.48 9.08 -17.05
C ARG A 213 -27.86 9.11 -18.49
N ILE A 214 -26.96 8.59 -19.33
CA ILE A 214 -27.19 8.50 -20.76
C ILE A 214 -27.11 7.05 -21.25
N LEU A 215 -28.20 6.61 -21.87
CA LEU A 215 -28.34 5.22 -22.23
C LEU A 215 -28.43 5.10 -23.75
N VAL A 216 -27.41 4.53 -24.39
CA VAL A 216 -27.54 4.23 -25.81
C VAL A 216 -28.29 2.91 -25.88
N THR A 217 -29.33 2.87 -26.73
CA THR A 217 -30.27 1.74 -26.72
C THR A 217 -30.97 1.61 -28.07
N SER A 218 -31.54 0.43 -28.33
CA SER A 218 -32.32 0.21 -29.53
C SER A 218 -33.66 -0.42 -29.14
N LYS A 219 -34.10 -0.19 -27.90
CA LYS A 219 -35.39 -0.63 -27.42
C LYS A 219 -36.34 0.55 -27.17
N MET A 220 -37.60 0.39 -27.55
CA MET A 220 -38.56 1.48 -27.54
C MET A 220 -39.05 1.74 -26.13
N GLU A 221 -39.12 0.68 -25.32
CA GLU A 221 -39.43 0.86 -23.90
C GLU A 221 -38.47 1.86 -23.21
N HIS A 222 -37.23 1.93 -23.67
CA HIS A 222 -36.25 2.81 -23.06
C HIS A 222 -36.50 4.25 -23.49
N LEU A 223 -36.98 4.45 -24.71
CA LEU A 223 -37.41 5.78 -25.11
C LEU A 223 -38.67 6.19 -24.31
N ARG A 224 -39.60 5.25 -24.11
CA ARG A 224 -40.83 5.49 -23.38
C ARG A 224 -40.57 5.95 -21.93
N LYS A 225 -39.56 5.36 -21.30
CA LYS A 225 -39.26 5.63 -19.90
C LYS A 225 -38.27 6.79 -19.72
N ALA A 226 -37.69 7.23 -20.83
CA ALA A 226 -36.62 8.22 -20.79
C ALA A 226 -37.19 9.59 -20.44
N ASP A 227 -36.34 10.49 -19.94
CA ASP A 227 -36.74 11.86 -19.72
C ASP A 227 -36.58 12.64 -21.01
N LYS A 228 -35.49 12.35 -21.72
CA LYS A 228 -35.26 12.98 -23.00
C LYS A 228 -34.76 11.93 -23.98
N ILE A 229 -34.87 12.25 -25.27
CA ILE A 229 -34.55 11.32 -26.34
C ILE A 229 -33.74 12.01 -27.45
N LEU A 230 -32.63 11.39 -27.85
CA LEU A 230 -31.85 11.86 -29.00
C LEU A 230 -31.87 10.72 -30.01
N ILE A 231 -32.38 10.98 -31.22
CA ILE A 231 -32.23 10.05 -32.30
C ILE A 231 -31.21 10.57 -33.29
N LEU A 232 -30.23 9.72 -33.64
CA LEU A 232 -29.16 10.11 -34.54
C LEU A 232 -29.30 9.40 -35.89
N HIS A 233 -28.85 10.07 -36.94
CA HIS A 233 -28.81 9.48 -38.28
C HIS A 233 -27.70 10.21 -39.02
N GLN A 234 -26.67 9.47 -39.44
CA GLN A 234 -25.61 10.06 -40.23
C GLN A 234 -24.98 11.24 -39.49
N GLY A 235 -24.88 11.13 -38.17
CA GLY A 235 -24.13 12.11 -37.40
C GLY A 235 -24.91 13.38 -37.14
N SER A 236 -26.20 13.34 -37.45
CA SER A 236 -27.07 14.47 -37.15
C SER A 236 -28.21 14.05 -36.24
N SER A 237 -28.82 15.07 -35.65
CA SER A 237 -29.97 14.92 -34.79
C SER A 237 -31.25 14.75 -35.64
N TYR A 238 -31.72 13.53 -35.74
CA TYR A 238 -32.99 13.26 -36.42
C TYR A 238 -34.13 13.74 -35.56
N PHE A 239 -33.91 13.78 -34.25
CA PHE A 239 -34.93 14.20 -33.30
C PHE A 239 -34.37 14.40 -31.88
N TYR A 240 -34.88 15.42 -31.19
CA TYR A 240 -34.50 15.64 -29.80
C TYR A 240 -35.68 16.19 -29.03
N GLY A 241 -36.06 15.50 -27.96
CA GLY A 241 -37.20 15.92 -27.19
C GLY A 241 -37.79 14.82 -26.34
N THR A 242 -39.05 14.97 -25.95
CA THR A 242 -39.65 14.01 -25.04
C THR A 242 -40.34 12.97 -25.87
N PHE A 243 -40.75 11.90 -25.21
CA PHE A 243 -41.41 10.80 -25.88
C PHE A 243 -42.72 11.26 -26.50
N SER A 244 -43.47 12.09 -25.77
CA SER A 244 -44.71 12.67 -26.26
C SER A 244 -44.48 13.47 -27.55
N GLU A 245 -43.47 14.35 -27.53
CA GLU A 245 -43.08 15.15 -28.70
C GLU A 245 -42.68 14.29 -29.89
N LEU A 246 -42.08 13.14 -29.62
CA LEU A 246 -41.61 12.26 -30.69
C LEU A 246 -42.82 11.70 -31.46
N GLN A 247 -43.88 11.38 -30.73
CA GLN A 247 -45.07 10.84 -31.35
C GLN A 247 -45.78 11.91 -32.18
N SER A 248 -45.75 13.15 -31.71
CA SER A 248 -46.37 14.26 -32.45
C SER A 248 -45.53 14.67 -33.67
N LEU A 249 -44.27 14.99 -33.42
CA LEU A 249 -43.43 15.61 -34.44
C LEU A 249 -42.73 14.61 -35.37
N ARG A 250 -42.79 13.32 -35.03
CA ARG A 250 -42.23 12.28 -35.90
C ARG A 250 -43.21 11.13 -35.97
N PRO A 251 -44.40 11.40 -36.50
CA PRO A 251 -45.52 10.49 -36.37
C PRO A 251 -45.36 9.24 -37.20
N ASP A 252 -44.58 9.37 -38.28
CA ASP A 252 -44.36 8.27 -39.22
C ASP A 252 -43.39 7.25 -38.65
N PHE A 253 -42.27 7.75 -38.14
CA PHE A 253 -41.33 6.93 -37.37
C PHE A 253 -42.11 6.23 -36.25
N SER A 254 -42.81 7.02 -35.44
CA SER A 254 -43.48 6.52 -34.22
C SER A 254 -44.44 5.37 -34.46
N SER A 255 -45.35 5.54 -35.42
CA SER A 255 -46.39 4.55 -35.58
C SER A 255 -45.81 3.27 -36.14
N LYS A 256 -44.74 3.41 -36.92
CA LYS A 256 -44.06 2.25 -37.51
C LYS A 256 -43.47 1.41 -36.39
N LEU A 257 -42.75 2.07 -35.49
CA LEU A 257 -42.02 1.37 -34.44
C LEU A 257 -42.90 0.90 -33.30
N MET A 258 -43.92 1.68 -32.95
CA MET A 258 -44.89 1.23 -31.96
C MET A 258 -45.88 0.26 -32.61
N GLY A 259 -45.80 0.15 -33.93
CA GLY A 259 -46.66 -0.76 -34.65
C GLY A 259 -46.37 -2.23 -34.33
N TYR A 260 -45.12 -2.54 -34.00
CA TYR A 260 -44.72 -3.92 -33.72
C TYR A 260 -45.33 -4.37 -32.39
N ASP A 261 -45.52 -5.67 -32.24
CA ASP A 261 -46.05 -6.16 -30.98
C ASP A 261 -44.97 -6.30 -29.90
N THR A 262 -43.85 -6.93 -30.26
CA THR A 262 -42.77 -7.19 -29.34
C THR A 262 -41.43 -6.81 -29.98
N PHE A 263 -41.37 -5.57 -30.47
CA PHE A 263 -40.15 -5.05 -31.09
C PHE A 263 -38.91 -5.23 -30.21
N ASP A 264 -39.06 -4.96 -28.91
CA ASP A 264 -37.95 -4.97 -27.97
C ASP A 264 -37.38 -6.37 -27.74
N GLN A 265 -38.05 -7.41 -28.24
CA GLN A 265 -37.53 -8.78 -28.12
C GLN A 265 -36.95 -9.33 -29.41
N PHE A 266 -37.03 -8.57 -30.48
CA PHE A 266 -36.23 -8.88 -31.67
C PHE A 266 -34.76 -8.85 -31.24
N THR A 267 -33.88 -9.42 -32.08
CA THR A 267 -32.45 -9.38 -31.80
C THR A 267 -32.00 -7.95 -31.90
N GLU A 268 -30.78 -7.68 -31.46
CA GLU A 268 -30.27 -6.34 -31.46
C GLU A 268 -30.06 -5.90 -32.91
N GLU A 269 -29.61 -6.86 -33.73
CA GLU A 269 -29.29 -6.63 -35.13
C GLU A 269 -30.60 -6.26 -35.87
N ARG A 270 -31.67 -6.99 -35.59
CA ARG A 270 -32.95 -6.69 -36.23
C ARG A 270 -33.57 -5.37 -35.77
N ARG A 271 -33.44 -5.03 -34.48
CA ARG A 271 -33.96 -3.74 -34.04
C ARG A 271 -33.18 -2.65 -34.71
N SEP A 272 -31.86 -2.80 -34.84
CA SEP A 272 -31.06 -1.73 -35.43
CB SEP A 272 -29.53 -1.87 -35.19
OG SEP A 272 -29.24 -1.26 -33.89
C SEP A 272 -31.35 -1.62 -36.92
O SEP A 272 -31.28 -0.53 -37.46
P SEP A 272 -28.29 0.11 -33.83
O1P SEP A 272 -28.96 1.17 -34.87
O2P SEP A 272 -26.75 -0.21 -34.27
O3P SEP A 272 -28.24 0.47 -32.22
N SEP A 273 -31.68 -2.74 -37.56
CA SEP A 273 -32.06 -2.73 -38.99
CB SEP A 273 -32.14 -4.14 -39.55
OG SEP A 273 -30.89 -4.33 -40.20
C SEP A 273 -33.39 -2.01 -39.22
O SEP A 273 -33.50 -1.14 -40.07
P SEP A 273 -30.82 -5.40 -41.38
O1P SEP A 273 -31.37 -4.70 -42.69
O2P SEP A 273 -31.72 -6.69 -41.15
O3P SEP A 273 -29.34 -5.87 -41.24
N ILE A 274 -34.42 -2.39 -38.46
CA ILE A 274 -35.66 -1.64 -38.53
C ILE A 274 -35.51 -0.14 -38.24
N LEU A 275 -34.78 0.22 -37.19
CA LEU A 275 -34.54 1.64 -36.90
C LEU A 275 -33.87 2.34 -38.08
N THR A 276 -32.85 1.70 -38.64
CA THR A 276 -32.08 2.33 -39.69
C THR A 276 -32.97 2.54 -40.92
N GLU A 277 -33.77 1.52 -41.23
CA GLU A 277 -34.59 1.51 -42.42
C GLU A 277 -35.66 2.59 -42.27
N THR A 278 -36.29 2.64 -41.09
CA THR A 278 -37.32 3.63 -40.80
C THR A 278 -36.82 5.08 -40.91
N LEU A 279 -35.56 5.29 -40.56
CA LEU A 279 -34.99 6.64 -40.53
C LEU A 279 -34.73 7.14 -41.94
N ARG A 280 -34.66 6.20 -42.87
CA ARG A 280 -34.39 6.52 -44.26
C ARG A 280 -35.68 6.84 -45.02
N ARG A 281 -36.72 6.05 -44.81
CA ARG A 281 -38.01 6.35 -45.42
C ARG A 281 -38.33 7.79 -45.06
N PHE A 282 -38.35 8.07 -43.76
CA PHE A 282 -38.88 9.34 -43.24
C PHE A 282 -37.80 10.40 -42.96
N SEP A 283 -37.43 11.18 -43.98
CA SEP A 283 -36.42 12.23 -43.85
CB SEP A 283 -35.45 12.24 -45.07
OG SEP A 283 -36.20 12.58 -46.27
C SEP A 283 -37.04 13.62 -43.64
O SEP A 283 -36.79 14.26 -42.58
P SEP A 283 -35.54 12.13 -47.69
O1P SEP A 283 -36.47 12.83 -48.80
O2P SEP A 283 -35.60 10.51 -47.89
O3P SEP A 283 -33.98 12.53 -47.53
N THR B 2 24.00 6.38 -1.90
CA THR B 2 22.66 5.80 -1.55
C THR B 2 21.53 6.85 -1.26
N THR B 3 20.27 6.46 -1.52
CA THR B 3 19.06 7.24 -1.17
C THR B 3 18.09 6.42 -0.32
N GLY B 4 17.17 7.08 0.39
CA GLY B 4 16.05 6.39 1.01
C GLY B 4 14.92 6.26 -0.01
N ILE B 5 13.84 5.57 0.30
CA ILE B 5 12.65 5.73 -0.53
C ILE B 5 11.35 5.83 0.26
N ILE B 6 10.59 6.87 -0.04
CA ILE B 6 9.32 7.12 0.63
C ILE B 6 8.16 7.18 -0.37
N MET B 7 7.09 6.45 -0.08
CA MET B 7 5.82 6.68 -0.79
C MET B 7 4.72 7.01 0.22
N GLU B 8 4.07 8.14 0.01
CA GLU B 8 2.98 8.55 0.89
C GLU B 8 1.66 8.60 0.14
N ASN B 9 0.77 7.68 0.53
CA ASN B 9 -0.56 7.58 -0.05
C ASN B 9 -0.52 7.80 -1.57
N VAL B 10 0.23 6.96 -2.27
CA VAL B 10 0.38 7.13 -3.72
C VAL B 10 -0.65 6.29 -4.50
N THR B 11 -1.14 6.90 -5.58
CA THR B 11 -2.06 6.28 -6.51
C THR B 11 -1.62 6.67 -7.93
N ALA B 12 -1.59 5.68 -8.82
CA ALA B 12 -1.17 5.95 -10.19
C ALA B 12 -2.16 5.34 -11.15
N PHE B 13 -2.57 6.12 -12.13
CA PHE B 13 -3.63 5.73 -13.03
C PHE B 13 -3.04 5.15 -14.29
N TRP B 14 -3.77 4.22 -14.91
CA TRP B 14 -3.48 3.78 -16.27
C TRP B 14 -3.35 4.98 -17.21
N GLU B 15 -2.18 5.07 -17.85
CA GLU B 15 -1.93 6.10 -18.86
C GLU B 15 -1.60 5.41 -20.19
N GLU B 16 -1.86 6.09 -21.30
CA GLU B 16 -1.54 5.51 -22.59
C GLU B 16 -0.08 5.06 -22.72
N GLY B 17 0.11 3.86 -23.29
CA GLY B 17 1.44 3.36 -23.58
C GLY B 17 1.98 2.42 -22.50
N PHE B 18 1.53 2.64 -21.27
CA PHE B 18 2.09 1.93 -20.13
C PHE B 18 1.89 0.43 -20.30
N GLY B 19 0.77 0.04 -20.90
CA GLY B 19 0.46 -1.37 -21.09
C GLY B 19 1.40 -2.04 -22.07
N GLU B 20 1.68 -1.36 -23.18
CA GLU B 20 2.55 -1.88 -24.23
C GLU B 20 3.97 -2.03 -23.70
N LEU B 21 4.37 -1.09 -22.84
CA LEU B 21 5.65 -1.16 -22.14
C LEU B 21 5.72 -2.43 -21.29
N LEU B 22 4.64 -2.75 -20.58
CA LEU B 22 4.60 -3.93 -19.72
C LEU B 22 4.72 -5.22 -20.51
N GLU B 23 4.31 -5.19 -21.77
CA GLU B 23 4.37 -6.37 -22.61
C GLU B 23 5.77 -6.51 -23.22
N LYS B 24 6.60 -5.48 -23.08
CA LYS B 24 8.01 -5.58 -23.47
C LYS B 24 8.89 -6.13 -22.34
N VAL B 25 9.37 -7.36 -22.56
CA VAL B 25 9.46 -8.46 -21.58
C VAL B 25 8.76 -9.75 -22.11
N LYS B 33 1.03 -20.54 -16.29
CA LYS B 33 0.89 -19.17 -16.86
C LYS B 33 -0.58 -18.74 -16.99
N HIS B 34 -0.81 -17.51 -16.53
CA HIS B 34 -2.15 -16.92 -16.42
C HIS B 34 -2.33 -15.81 -17.46
N SEP B 35 -1.86 -16.07 -18.67
CA SEP B 35 -2.07 -15.16 -19.80
CB SEP B 35 -0.97 -15.31 -20.87
OG SEP B 35 -1.12 -16.60 -21.55
C SEP B 35 -3.48 -15.39 -20.35
O SEP B 35 -4.04 -14.51 -21.00
P SEP B 35 -0.73 -16.63 -23.13
O1P SEP B 35 -2.05 -17.11 -23.90
O2P SEP B 35 0.51 -17.66 -23.40
O3P SEP B 35 -0.09 -15.14 -23.37
N SER B 36 -4.04 -16.58 -20.07
CA SER B 36 -5.45 -16.86 -20.31
C SER B 36 -6.37 -16.04 -19.39
N ASP B 37 -5.88 -15.66 -18.21
CA ASP B 37 -6.57 -14.72 -17.30
C ASP B 37 -6.68 -13.31 -17.88
N GLU B 38 -5.74 -12.95 -18.76
CA GLU B 38 -5.64 -11.59 -19.30
C GLU B 38 -6.37 -11.34 -20.63
N ASN B 39 -7.19 -12.29 -21.10
CA ASN B 39 -7.62 -12.23 -22.52
C ASN B 39 -8.76 -11.28 -22.92
N ASN B 40 -9.35 -10.56 -21.96
CA ASN B 40 -10.17 -9.38 -22.27
C ASN B 40 -9.73 -8.14 -21.51
N VAL B 41 -8.45 -8.12 -21.16
CA VAL B 41 -7.77 -6.87 -20.80
C VAL B 41 -7.67 -5.98 -22.05
N SER B 42 -8.10 -4.74 -21.92
CA SER B 42 -7.92 -3.73 -22.94
C SER B 42 -7.22 -2.53 -22.32
N PHE B 43 -5.99 -2.26 -22.75
CA PHE B 43 -5.24 -1.15 -22.19
C PHE B 43 -5.95 0.17 -22.47
N SER B 44 -6.60 0.25 -23.63
CA SER B 44 -7.41 1.42 -23.98
C SER B 44 -8.57 1.71 -23.06
N HIS B 45 -9.36 0.67 -22.76
CA HIS B 45 -10.46 0.78 -21.83
C HIS B 45 -10.03 1.21 -20.45
N LEU B 46 -8.96 0.62 -19.93
CA LEU B 46 -8.43 1.02 -18.63
C LEU B 46 -8.06 2.50 -18.63
N CYS B 47 -7.62 3.02 -19.77
CA CYS B 47 -7.24 4.44 -19.90
C CYS B 47 -8.43 5.37 -20.16
N LEU B 48 -9.47 4.87 -20.82
CA LEU B 48 -10.66 5.66 -21.10
C LEU B 48 -11.33 5.94 -19.76
N VAL B 49 -11.54 4.85 -19.03
CA VAL B 49 -12.37 4.76 -17.82
C VAL B 49 -11.74 5.44 -16.57
N GLY B 50 -10.43 5.73 -16.61
CA GLY B 50 -9.74 6.31 -15.46
C GLY B 50 -9.41 5.42 -14.23
N ASN B 51 -8.72 4.30 -14.43
CA ASN B 51 -8.52 3.31 -13.37
C ASN B 51 -7.13 3.28 -12.75
N PRO B 52 -7.05 3.09 -11.44
CA PRO B 52 -5.74 2.95 -10.80
C PRO B 52 -5.07 1.66 -11.22
N VAL B 53 -3.75 1.69 -11.43
CA VAL B 53 -3.01 0.46 -11.39
C VAL B 53 -2.41 0.28 -10.03
N LEU B 54 -2.12 1.38 -9.35
CA LEU B 54 -1.66 1.29 -7.96
C LEU B 54 -2.44 2.26 -7.07
N LYS B 55 -2.89 1.77 -5.92
CA LYS B 55 -3.81 2.54 -5.07
C LYS B 55 -3.43 2.63 -3.60
N ASN B 56 -3.35 3.88 -3.11
CA ASN B 56 -3.04 4.15 -1.71
C ASN B 56 -1.81 3.40 -1.25
N ILE B 57 -0.70 3.54 -1.97
CA ILE B 57 0.52 2.84 -1.60
C ILE B 57 1.36 3.67 -0.61
N ASN B 58 1.75 3.04 0.49
CA ASN B 58 2.59 3.69 1.47
C ASN B 58 3.79 2.84 1.77
N LEU B 59 4.95 3.45 1.66
CA LEU B 59 6.15 2.82 2.16
C LEU B 59 7.23 3.84 2.55
N ASN B 60 8.04 3.43 3.52
CA ASN B 60 9.16 4.23 4.02
C ASN B 60 10.38 3.32 4.22
N ILE B 61 11.29 3.39 3.26
CA ILE B 61 12.47 2.54 3.28
C ILE B 61 13.73 3.38 3.53
N GLU B 62 14.45 3.04 4.59
CA GLU B 62 15.67 3.75 4.96
C GLU B 62 16.86 3.30 4.10
N LYS B 63 17.85 4.18 3.96
CA LYS B 63 19.14 3.82 3.39
C LYS B 63 19.65 2.43 3.82
N GLY B 64 20.03 1.62 2.82
CA GLY B 64 20.57 0.30 3.09
C GLY B 64 19.60 -0.76 3.53
N GLU B 65 18.31 -0.44 3.58
CA GLU B 65 17.29 -1.43 3.90
C GLU B 65 16.89 -2.25 2.67
N MET B 66 16.37 -3.46 2.91
CA MET B 66 15.78 -4.29 1.86
C MET B 66 14.24 -4.39 2.02
N LEU B 67 13.53 -3.94 0.98
CA LEU B 67 12.09 -4.13 0.80
C LEU B 67 11.88 -5.42 -0.02
N ALA B 68 11.16 -6.37 0.55
CA ALA B 68 10.63 -7.50 -0.20
C ALA B 68 9.23 -7.16 -0.60
N ILE B 69 9.00 -7.09 -1.92
CA ILE B 69 7.65 -6.98 -2.48
C ILE B 69 7.17 -8.33 -3.03
N THR B 70 6.03 -8.79 -2.52
CA THR B 70 5.40 -9.97 -3.07
C THR B 70 3.91 -9.68 -3.31
N GLY B 71 3.12 -10.73 -3.47
CA GLY B 71 1.71 -10.53 -3.73
C GLY B 71 1.14 -11.57 -4.68
N SER B 72 -0.06 -11.32 -5.19
CA SER B 72 -0.76 -12.27 -6.07
C SER B 72 -0.29 -11.96 -7.49
N THR B 73 -0.42 -12.91 -8.43
CA THR B 73 0.04 -12.59 -9.76
C THR B 73 -0.80 -11.48 -10.40
N GLY B 74 -0.15 -10.64 -11.19
CA GLY B 74 -0.77 -9.46 -11.74
C GLY B 74 -1.20 -8.38 -10.73
N SER B 75 -0.62 -8.33 -9.54
CA SER B 75 -1.07 -7.39 -8.52
C SER B 75 -0.48 -5.99 -8.63
N GLY B 76 0.37 -5.75 -9.63
CA GLY B 76 1.01 -4.46 -9.80
C GLY B 76 2.43 -4.33 -9.23
N LYS B 77 3.10 -5.46 -8.99
CA LYS B 77 4.48 -5.47 -8.46
C LYS B 77 5.50 -4.80 -9.40
N THR B 78 5.50 -5.19 -10.68
CA THR B 78 6.40 -4.60 -11.67
C THR B 78 6.04 -3.15 -11.94
N SER B 79 4.75 -2.82 -11.82
CA SER B 79 4.27 -1.45 -12.10
C SER B 79 4.78 -0.51 -11.00
N LEU B 80 4.87 -1.02 -9.77
CA LEU B 80 5.43 -0.22 -8.66
C LEU B 80 6.91 0.13 -8.97
N LEU B 81 7.67 -0.86 -9.47
CA LEU B 81 9.02 -0.58 -9.95
C LEU B 81 9.05 0.47 -11.06
N MET B 82 8.11 0.40 -11.98
CA MET B 82 7.99 1.40 -13.06
C MET B 82 7.69 2.79 -12.56
N LEU B 83 6.87 2.86 -11.54
CA LEU B 83 6.57 4.11 -10.85
C LEU B 83 7.88 4.78 -10.41
N ILE B 84 8.66 4.05 -9.60
CA ILE B 84 10.01 4.46 -9.22
C ILE B 84 10.89 4.90 -10.41
N LEU B 85 10.85 4.18 -11.52
CA LEU B 85 11.66 4.57 -12.69
C LEU B 85 11.13 5.80 -13.41
N GLY B 86 9.94 6.25 -13.00
CA GLY B 86 9.30 7.37 -13.68
C GLY B 86 8.64 7.04 -15.01
N GLU B 87 8.36 5.77 -15.25
CA GLU B 87 7.59 5.40 -16.45
C GLU B 87 6.10 5.52 -16.15
N LEU B 88 5.76 5.63 -14.88
CA LEU B 88 4.37 5.82 -14.50
C LEU B 88 4.41 7.00 -13.53
N GLU B 89 3.41 7.88 -13.61
CA GLU B 89 3.40 9.00 -12.70
C GLU B 89 2.37 8.88 -11.61
N ALA B 90 2.77 9.27 -10.39
CA ALA B 90 1.87 9.36 -9.24
C ALA B 90 0.86 10.49 -9.49
N SER B 91 -0.43 10.18 -9.44
CA SER B 91 -1.44 11.17 -9.74
C SER B 91 -1.87 11.76 -8.40
N GLU B 92 -1.85 10.92 -7.38
CA GLU B 92 -1.96 11.36 -5.99
C GLU B 92 -0.72 10.93 -5.21
N GLY B 93 -0.45 11.63 -4.11
CA GLY B 93 0.57 11.21 -3.18
C GLY B 93 1.97 11.71 -3.48
N ILE B 94 2.90 11.33 -2.63
CA ILE B 94 4.29 11.77 -2.72
C ILE B 94 5.28 10.59 -2.85
N ILE B 95 6.15 10.70 -3.85
CA ILE B 95 7.30 9.81 -4.00
C ILE B 95 8.63 10.58 -3.87
N LYS B 96 9.45 10.19 -2.88
CA LYS B 96 10.78 10.79 -2.66
C LYS B 96 11.88 9.72 -2.74
N HIS B 97 12.83 9.94 -3.64
CA HIS B 97 14.08 9.18 -3.66
C HIS B 97 15.01 9.99 -4.57
N SER B 98 16.32 9.80 -4.48
CA SER B 98 17.23 10.55 -5.36
C SER B 98 18.40 9.69 -5.82
N GLY B 99 19.14 10.17 -6.81
CA GLY B 99 20.29 9.43 -7.29
C GLY B 99 19.99 8.44 -8.42
N ARG B 100 21.01 7.70 -8.83
CA ARG B 100 20.86 6.71 -9.89
C ARG B 100 20.01 5.56 -9.34
N VAL B 101 19.11 5.02 -10.14
CA VAL B 101 18.61 3.71 -9.78
C VAL B 101 19.12 2.66 -10.75
N SER B 102 19.27 1.45 -10.23
CA SER B 102 19.63 0.32 -11.07
C SER B 102 18.47 -0.68 -11.08
N PHE B 103 18.10 -1.11 -12.28
CA PHE B 103 16.93 -1.94 -12.46
C PHE B 103 17.28 -3.27 -13.11
N CYS B 104 16.88 -4.34 -12.45
CA CYS B 104 17.09 -5.69 -13.01
C CYS B 104 15.70 -6.27 -13.38
N SER B 105 15.33 -6.24 -14.65
CA SER B 105 13.98 -6.65 -15.06
C SER B 105 13.70 -8.15 -14.99
N GLN B 106 12.41 -8.47 -15.10
CA GLN B 106 11.91 -9.84 -15.03
C GLN B 106 12.47 -10.60 -16.25
N PHE B 107 12.39 -9.98 -17.43
CA PHE B 107 13.02 -10.52 -18.62
C PHE B 107 14.55 -10.27 -18.55
N SER B 108 15.34 -11.35 -18.54
CA SER B 108 16.80 -11.28 -18.62
C SER B 108 17.32 -10.95 -20.03
N TRP B 109 17.72 -9.71 -20.28
CA TRP B 109 18.28 -9.41 -21.57
C TRP B 109 19.80 -9.66 -21.64
N ILE B 110 20.24 -10.08 -22.82
CA ILE B 110 21.64 -10.37 -23.13
C ILE B 110 21.96 -9.64 -24.41
N MET B 111 22.88 -8.66 -24.34
CA MET B 111 23.47 -7.98 -25.52
C MET B 111 24.53 -8.85 -26.19
N PRO B 112 24.77 -8.60 -27.49
CA PRO B 112 25.85 -9.31 -28.20
C PRO B 112 27.19 -8.97 -27.54
N GLY B 113 27.98 -10.01 -27.28
CA GLY B 113 29.25 -9.76 -26.62
C GLY B 113 29.59 -10.86 -25.65
N THR B 114 30.64 -10.67 -24.87
CA THR B 114 31.03 -11.66 -23.91
C THR B 114 30.17 -11.57 -22.64
N ILE B 115 30.31 -12.59 -21.81
CA ILE B 115 29.71 -12.58 -20.52
C ILE B 115 30.19 -11.37 -19.74
N LYS B 116 31.50 -11.12 -19.77
CA LYS B 116 32.06 -9.99 -19.03
C LYS B 116 31.49 -8.69 -19.62
N GLU B 117 31.52 -8.59 -20.94
CA GLU B 117 31.01 -7.39 -21.59
C GLU B 117 29.56 -7.14 -21.17
N ASN B 118 28.80 -8.21 -20.96
CA ASN B 118 27.42 -8.05 -20.54
C ASN B 118 27.30 -7.55 -19.11
N ILE B 119 28.16 -8.01 -18.23
CA ILE B 119 28.09 -7.60 -16.84
C ILE B 119 28.53 -6.14 -16.62
N ILE B 120 29.55 -5.69 -17.33
CA ILE B 120 30.01 -4.30 -17.18
C ILE B 120 29.44 -3.37 -18.26
N PHE B 121 28.37 -3.80 -18.93
CA PHE B 121 27.83 -3.09 -20.09
C PHE B 121 27.73 -1.59 -19.85
N GLY B 122 28.50 -0.81 -20.61
CA GLY B 122 28.41 0.65 -20.55
C GLY B 122 28.97 1.33 -19.30
N VAL B 123 29.78 0.62 -18.53
CA VAL B 123 30.22 1.12 -17.22
C VAL B 123 31.73 0.89 -17.05
N SER B 124 32.40 1.72 -16.27
CA SER B 124 33.85 1.58 -16.19
C SER B 124 34.22 0.29 -15.45
N TYR B 125 35.28 -0.36 -15.93
CA TYR B 125 35.73 -1.60 -15.35
C TYR B 125 36.49 -1.33 -14.06
N ASP B 126 36.27 -2.18 -13.06
CA ASP B 126 37.01 -2.17 -11.80
C ASP B 126 37.19 -3.62 -11.39
N GLU B 127 38.40 -4.12 -11.58
CA GLU B 127 38.69 -5.50 -11.28
C GLU B 127 38.08 -6.01 -9.99
N TYR B 128 38.39 -5.41 -8.85
CA TYR B 128 37.91 -6.02 -7.60
C TYR B 128 36.35 -6.06 -7.50
N ARG B 129 35.68 -5.02 -8.00
CA ARG B 129 34.22 -4.94 -7.97
C ARG B 129 33.62 -6.07 -8.85
N TYR B 130 34.17 -6.19 -10.06
CA TYR B 130 33.76 -7.20 -11.02
C TYR B 130 33.86 -8.62 -10.47
N LYS B 131 35.04 -8.99 -9.97
CA LYS B 131 35.29 -10.33 -9.44
C LYS B 131 34.38 -10.57 -8.25
N SER B 132 34.20 -9.53 -7.47
CA SER B 132 33.32 -9.58 -6.33
C SER B 132 31.87 -9.94 -6.72
N VAL B 133 31.38 -9.33 -7.79
CA VAL B 133 29.99 -9.51 -8.22
C VAL B 133 29.84 -10.89 -8.86
N VAL B 134 30.70 -11.20 -9.81
CA VAL B 134 30.74 -12.52 -10.40
C VAL B 134 30.71 -13.62 -9.32
N LYS B 135 31.46 -13.45 -8.24
CA LYS B 135 31.52 -14.51 -7.24
C LYS B 135 30.16 -14.61 -6.49
N ALA B 136 29.70 -13.49 -5.96
CA ALA B 136 28.46 -13.46 -5.18
C ALA B 136 27.21 -13.83 -5.99
N CYS B 137 27.22 -13.57 -7.29
CA CYS B 137 26.11 -14.01 -8.13
C CYS B 137 26.23 -15.49 -8.56
N GLN B 138 27.20 -16.20 -7.98
CA GLN B 138 27.40 -17.60 -8.26
C GLN B 138 27.58 -17.85 -9.73
N LEU B 139 28.35 -17.01 -10.39
CA LEU B 139 28.68 -17.18 -11.79
C LEU B 139 29.97 -17.94 -12.01
N GLN B 140 30.76 -18.09 -10.95
CA GLN B 140 32.04 -18.75 -11.06
C GLN B 140 31.87 -20.22 -11.52
N GLN B 141 30.87 -20.87 -10.93
CA GLN B 141 30.46 -22.22 -11.31
C GLN B 141 29.99 -22.29 -12.74
N ASP B 142 29.42 -21.20 -13.26
CA ASP B 142 28.99 -21.22 -14.66
C ASP B 142 30.17 -21.06 -15.62
N ILE B 143 30.94 -19.98 -15.45
CA ILE B 143 31.94 -19.65 -16.48
C ILE B 143 33.05 -20.69 -16.55
N THR B 144 33.29 -21.38 -15.46
CA THR B 144 34.32 -22.38 -15.42
C THR B 144 33.98 -23.60 -16.30
N LYS B 145 32.74 -23.71 -16.75
CA LYS B 145 32.39 -24.77 -17.68
C LYS B 145 32.80 -24.42 -19.09
N PHE B 146 33.22 -23.19 -19.34
CA PHE B 146 33.43 -22.73 -20.71
C PHE B 146 34.95 -22.58 -21.03
N ALA B 147 35.35 -22.92 -22.25
CA ALA B 147 36.74 -22.81 -22.69
C ALA B 147 37.34 -21.40 -22.41
N GLU B 148 36.61 -20.34 -22.79
CA GLU B 148 37.06 -18.95 -22.58
C GLU B 148 36.49 -18.32 -21.34
N GLN B 149 35.85 -19.12 -20.50
CA GLN B 149 35.24 -18.61 -19.27
C GLN B 149 34.41 -17.34 -19.51
N ASP B 150 34.72 -16.25 -18.84
CA ASP B 150 33.85 -15.09 -18.94
C ASP B 150 34.19 -14.23 -20.16
N ASN B 151 35.07 -14.71 -21.04
CA ASN B 151 35.29 -14.06 -22.31
C ASN B 151 34.62 -14.86 -23.42
N THR B 152 33.80 -15.81 -23.01
CA THR B 152 32.91 -16.53 -23.93
C THR B 152 31.93 -15.54 -24.58
N VAL B 153 31.96 -15.46 -25.91
CA VAL B 153 31.00 -14.69 -26.69
C VAL B 153 29.57 -15.27 -26.64
N LEU B 154 28.59 -14.48 -26.25
CA LEU B 154 27.20 -14.96 -26.26
C LEU B 154 26.63 -14.71 -27.65
N GLY B 155 26.99 -15.63 -28.55
CA GLY B 155 26.62 -15.56 -29.96
C GLY B 155 25.12 -15.65 -30.21
N GLU B 156 24.31 -15.39 -29.16
CA GLU B 156 22.87 -15.13 -29.26
C GLU B 156 22.46 -14.11 -28.16
N GLY B 157 21.15 -13.86 -27.99
CA GLY B 157 20.66 -13.35 -26.70
C GLY B 157 20.87 -14.40 -25.62
N GLY B 158 22.06 -15.00 -25.59
CA GLY B 158 22.32 -16.07 -24.63
C GLY B 158 21.30 -17.20 -24.68
N VAL B 159 20.75 -17.42 -25.87
CA VAL B 159 19.65 -18.34 -26.05
C VAL B 159 19.93 -19.77 -25.58
N THR B 160 21.18 -20.24 -25.54
CA THR B 160 21.49 -21.65 -25.26
C THR B 160 21.97 -21.84 -23.85
N LEU B 161 21.93 -20.75 -23.10
CA LEU B 161 22.22 -20.71 -21.68
C LEU B 161 20.92 -21.16 -20.95
N SER B 162 21.01 -21.54 -19.68
CA SER B 162 19.79 -21.78 -18.96
C SER B 162 19.14 -20.46 -18.55
N GLY B 163 17.85 -20.55 -18.22
CA GLY B 163 17.12 -19.44 -17.64
C GLY B 163 17.86 -18.79 -16.49
N GLY B 164 18.41 -19.64 -15.62
CA GLY B 164 19.00 -19.13 -14.39
C GLY B 164 20.38 -18.47 -14.59
N GLN B 165 21.16 -19.04 -15.52
CA GLN B 165 22.36 -18.42 -16.05
C GLN B 165 22.11 -17.03 -16.60
N ARG B 166 21.06 -16.87 -17.41
CA ARG B 166 20.76 -15.58 -17.99
C ARG B 166 20.33 -14.63 -16.88
N ALA B 167 19.62 -15.13 -15.89
CA ALA B 167 19.12 -14.28 -14.79
C ALA B 167 20.26 -13.82 -13.92
N ARG B 168 21.19 -14.72 -13.62
CA ARG B 168 22.40 -14.40 -12.88
C ARG B 168 23.30 -13.39 -13.61
N ILE B 169 23.49 -13.55 -14.92
CA ILE B 169 24.21 -12.53 -15.69
C ILE B 169 23.50 -11.16 -15.59
N SER B 170 22.17 -11.18 -15.66
CA SER B 170 21.39 -9.95 -15.72
C SER B 170 21.35 -9.29 -14.29
N LEU B 171 21.33 -10.11 -13.24
CA LEU B 171 21.51 -9.62 -11.86
C LEU B 171 22.91 -8.97 -11.65
N ALA B 172 23.96 -9.65 -12.11
CA ALA B 172 25.33 -9.12 -11.97
C ALA B 172 25.48 -7.76 -12.66
N ARG B 173 24.99 -7.66 -13.89
CA ARG B 173 24.93 -6.37 -14.56
C ARG B 173 24.31 -5.29 -13.65
N ALA B 174 23.16 -5.58 -13.05
CA ALA B 174 22.45 -4.53 -12.32
C ALA B 174 23.14 -4.23 -10.98
N VAL B 175 23.71 -5.27 -10.38
CA VAL B 175 24.44 -5.14 -9.14
C VAL B 175 25.80 -4.45 -9.36
N TYR B 176 26.44 -4.70 -10.49
CA TYR B 176 27.74 -4.15 -10.76
C TYR B 176 27.70 -2.62 -10.92
N LYS B 177 26.58 -2.14 -11.47
CA LYS B 177 26.28 -0.73 -11.69
C LYS B 177 26.26 -0.05 -10.32
N ASP B 178 26.97 1.07 -10.20
CA ASP B 178 26.91 1.82 -8.95
C ASP B 178 25.66 2.73 -8.95
N ALA B 179 24.81 2.57 -7.96
CA ALA B 179 23.57 3.31 -7.96
C ALA B 179 23.14 3.46 -6.51
N ASP B 180 22.09 4.25 -6.27
CA ASP B 180 21.59 4.50 -4.92
C ASP B 180 20.43 3.57 -4.60
N LEU B 181 19.71 3.10 -5.62
CA LEU B 181 18.57 2.25 -5.40
C LEU B 181 18.57 1.12 -6.41
N TYR B 182 18.47 -0.10 -5.89
CA TYR B 182 18.44 -1.33 -6.69
C TYR B 182 17.04 -1.96 -6.70
N LEU B 183 16.46 -2.01 -7.90
CA LEU B 183 15.15 -2.64 -8.16
C LEU B 183 15.37 -4.01 -8.83
N LEU B 184 15.14 -5.07 -8.07
CA LEU B 184 15.35 -6.45 -8.53
C LEU B 184 14.01 -7.19 -8.79
N ASP B 185 13.58 -7.29 -10.04
CA ASP B 185 12.25 -7.83 -10.33
C ASP B 185 12.33 -9.35 -10.57
N SER B 186 12.15 -10.15 -9.54
CA SER B 186 11.89 -11.59 -9.70
C SER B 186 13.03 -12.36 -10.32
N PRO B 187 14.27 -12.13 -9.86
CA PRO B 187 15.37 -12.90 -10.44
C PRO B 187 15.35 -14.37 -10.01
N PHE B 188 14.68 -14.68 -8.92
CA PHE B 188 14.78 -16.02 -8.33
C PHE B 188 13.55 -16.86 -8.67
N GLY B 189 13.45 -17.31 -9.92
CA GLY B 189 12.23 -17.98 -10.34
C GLY B 189 12.47 -19.22 -11.17
N TYR B 190 13.64 -19.83 -11.06
CA TYR B 190 14.01 -20.91 -11.94
C TYR B 190 14.18 -22.20 -11.19
N LEU B 191 14.47 -23.31 -11.90
CA LEU B 191 14.54 -24.64 -11.29
C LEU B 191 15.77 -24.88 -10.41
N ASP B 192 16.87 -24.20 -10.69
CA ASP B 192 18.11 -24.48 -9.93
C ASP B 192 18.12 -23.73 -8.58
N VAL B 193 17.47 -24.37 -7.63
CA VAL B 193 16.82 -23.61 -6.59
C VAL B 193 17.82 -23.44 -5.45
N PHE B 194 18.73 -24.39 -5.33
CA PHE B 194 19.86 -24.26 -4.43
C PHE B 194 20.82 -23.13 -4.81
N THR B 195 21.18 -23.01 -6.09
CA THR B 195 21.96 -21.84 -6.52
C THR B 195 21.25 -20.52 -6.19
N GLU B 196 19.94 -20.45 -6.44
CA GLU B 196 19.20 -19.23 -6.11
C GLU B 196 19.29 -18.87 -4.61
N GLU B 197 19.28 -19.90 -3.76
CA GLU B 197 19.49 -19.73 -2.34
C GLU B 197 20.88 -19.17 -2.01
N GLN B 198 21.93 -19.73 -2.62
CA GLN B 198 23.25 -19.14 -2.49
C GLN B 198 23.27 -17.67 -2.96
N VAL B 199 22.69 -17.38 -4.13
CA VAL B 199 22.76 -16.02 -4.69
C VAL B 199 22.06 -15.02 -3.77
N PHE B 200 20.94 -15.41 -3.18
CA PHE B 200 20.20 -14.52 -2.30
C PHE B 200 21.03 -14.18 -1.02
N GLU B 201 21.59 -15.21 -0.41
CA GLU B 201 22.52 -15.06 0.71
C GLU B 201 23.70 -14.13 0.37
N SER B 202 24.48 -14.48 -0.66
CA SER B 202 25.79 -13.91 -0.94
C SER B 202 25.69 -12.56 -1.59
N CYS B 203 24.68 -12.39 -2.43
CA CYS B 203 24.59 -11.20 -3.24
C CYS B 203 23.67 -10.18 -2.60
N VAL B 204 22.42 -10.57 -2.38
CA VAL B 204 21.42 -9.61 -1.94
C VAL B 204 21.54 -9.27 -0.46
N CYS B 205 21.90 -10.27 0.35
CA CYS B 205 22.06 -10.11 1.80
C CYS B 205 23.46 -9.63 2.23
N LYS B 206 24.53 -10.16 1.65
CA LYS B 206 25.87 -9.78 2.07
C LYS B 206 26.45 -8.68 1.19
N LEU B 207 26.78 -9.00 -0.06
CA LEU B 207 27.36 -7.99 -0.96
C LEU B 207 26.60 -6.65 -0.98
N MET B 208 25.27 -6.71 -1.00
CA MET B 208 24.48 -5.48 -1.06
C MET B 208 23.87 -5.11 0.29
N ALA B 209 24.43 -5.58 1.39
CA ALA B 209 23.89 -5.29 2.72
C ALA B 209 23.64 -3.82 3.01
N ASN B 210 24.43 -2.93 2.39
CA ASN B 210 24.29 -1.49 2.66
C ASN B 210 23.71 -0.71 1.50
N LYS B 211 23.24 -1.42 0.48
CA LYS B 211 22.54 -0.78 -0.65
C LYS B 211 21.01 -0.81 -0.43
N THR B 212 20.34 0.33 -0.61
CA THR B 212 18.88 0.31 -0.61
C THR B 212 18.40 -0.53 -1.79
N ARG B 213 17.57 -1.52 -1.49
CA ARG B 213 17.20 -2.46 -2.52
C ARG B 213 15.77 -3.00 -2.35
N ILE B 214 15.11 -3.11 -3.50
CA ILE B 214 13.76 -3.67 -3.60
C ILE B 214 13.76 -4.96 -4.39
N LEU B 215 13.34 -6.02 -3.72
CA LEU B 215 13.32 -7.34 -4.29
C LEU B 215 11.86 -7.75 -4.46
N VAL B 216 11.44 -7.93 -5.70
CA VAL B 216 10.15 -8.56 -5.96
C VAL B 216 10.41 -10.06 -5.98
N THR B 217 9.62 -10.80 -5.21
CA THR B 217 9.95 -12.18 -4.89
C THR B 217 8.67 -12.98 -4.57
N SER B 218 8.76 -14.30 -4.57
CA SER B 218 7.65 -15.13 -4.21
C SER B 218 8.18 -16.23 -3.29
N LYS B 219 9.33 -15.97 -2.66
CA LYS B 219 9.88 -16.86 -1.62
C LYS B 219 9.74 -16.27 -0.19
N MET B 220 9.46 -17.14 0.78
CA MET B 220 9.13 -16.67 2.12
C MET B 220 10.40 -16.31 2.89
N GLU B 221 11.46 -17.06 2.66
CA GLU B 221 12.77 -16.74 3.20
C GLU B 221 13.11 -15.27 2.94
N HIS B 222 12.81 -14.78 1.74
CA HIS B 222 13.15 -13.40 1.42
C HIS B 222 12.34 -12.44 2.25
N LEU B 223 11.11 -12.82 2.61
CA LEU B 223 10.28 -11.98 3.47
C LEU B 223 10.83 -11.98 4.90
N ARG B 224 11.27 -13.15 5.35
CA ARG B 224 11.79 -13.32 6.69
C ARG B 224 13.09 -12.51 6.87
N LYS B 225 13.83 -12.29 5.78
CA LYS B 225 15.13 -11.66 5.85
C LYS B 225 15.04 -10.19 5.53
N ALA B 226 13.88 -9.76 5.08
CA ALA B 226 13.75 -8.40 4.59
C ALA B 226 13.66 -7.47 5.79
N ASP B 227 13.94 -6.18 5.58
CA ASP B 227 13.69 -5.20 6.62
C ASP B 227 12.20 -4.81 6.59
N LYS B 228 11.65 -4.63 5.40
CA LYS B 228 10.24 -4.29 5.23
C LYS B 228 9.62 -5.15 4.10
N ILE B 229 8.30 -5.28 4.17
CA ILE B 229 7.52 -6.16 3.29
C ILE B 229 6.28 -5.45 2.75
N LEU B 230 6.14 -5.42 1.44
CA LEU B 230 4.92 -4.97 0.79
C LEU B 230 4.27 -6.18 0.14
N ILE B 231 3.05 -6.51 0.54
CA ILE B 231 2.25 -7.49 -0.20
C ILE B 231 1.14 -6.82 -1.01
N LEU B 232 1.20 -6.97 -2.32
CA LEU B 232 0.18 -6.42 -3.20
C LEU B 232 -0.93 -7.46 -3.60
N HIS B 233 -2.14 -6.95 -3.80
CA HIS B 233 -3.23 -7.72 -4.36
C HIS B 233 -4.09 -6.73 -5.11
N GLN B 234 -4.31 -7.00 -6.40
CA GLN B 234 -5.22 -6.19 -7.16
C GLN B 234 -4.84 -4.72 -7.07
N GLY B 235 -3.54 -4.45 -6.99
CA GLY B 235 -3.08 -3.09 -7.17
C GLY B 235 -3.17 -2.27 -5.90
N SER B 236 -3.47 -2.92 -4.78
CA SER B 236 -3.44 -2.21 -3.53
C SER B 236 -2.71 -3.01 -2.48
N SER B 237 -2.52 -2.40 -1.32
CA SER B 237 -1.58 -2.90 -0.36
C SER B 237 -2.31 -3.83 0.57
N TYR B 238 -2.04 -5.12 0.43
CA TYR B 238 -2.66 -6.10 1.28
C TYR B 238 -2.00 -5.99 2.65
N PHE B 239 -0.75 -5.56 2.64
CA PHE B 239 0.06 -5.49 3.86
C PHE B 239 1.35 -4.71 3.64
N TYR B 240 1.74 -3.94 4.66
CA TYR B 240 3.03 -3.25 4.69
C TYR B 240 3.51 -3.20 6.12
N GLY B 241 4.70 -3.74 6.35
CA GLY B 241 5.20 -3.86 7.71
C GLY B 241 6.44 -4.73 7.79
N THR B 242 6.82 -5.10 9.01
CA THR B 242 7.98 -5.95 9.19
C THR B 242 7.44 -7.37 9.23
N PHE B 243 8.35 -8.33 9.23
CA PHE B 243 7.96 -9.73 9.18
C PHE B 243 7.21 -10.10 10.46
N SER B 244 7.66 -9.55 11.59
CA SER B 244 7.04 -9.85 12.88
C SER B 244 5.60 -9.36 12.89
N GLU B 245 5.38 -8.17 12.34
CA GLU B 245 4.05 -7.61 12.23
C GLU B 245 3.18 -8.47 11.31
N LEU B 246 3.77 -8.99 10.24
CA LEU B 246 3.04 -9.82 9.30
C LEU B 246 2.43 -11.01 10.03
N GLN B 247 3.22 -11.67 10.89
CA GLN B 247 2.71 -12.82 11.61
C GLN B 247 1.63 -12.47 12.62
N SER B 248 1.63 -11.23 13.12
CA SER B 248 0.62 -10.82 14.09
C SER B 248 -0.64 -10.30 13.43
N LEU B 249 -0.48 -9.46 12.41
CA LEU B 249 -1.61 -8.73 11.85
C LEU B 249 -2.21 -9.40 10.60
N ARG B 250 -1.55 -10.43 10.10
CA ARG B 250 -2.10 -11.26 9.03
C ARG B 250 -1.88 -12.74 9.35
N PRO B 251 -2.42 -13.21 10.48
CA PRO B 251 -2.00 -14.48 11.07
C PRO B 251 -2.43 -15.71 10.24
N ASP B 252 -3.51 -15.52 9.48
CA ASP B 252 -4.05 -16.58 8.63
C ASP B 252 -3.14 -16.84 7.42
N PHE B 253 -2.92 -15.80 6.62
CA PHE B 253 -1.87 -15.80 5.60
C PHE B 253 -0.59 -16.45 6.13
N SER B 254 -0.07 -15.97 7.25
CA SER B 254 1.23 -16.39 7.74
C SER B 254 1.29 -17.88 8.02
N SER B 255 0.29 -18.38 8.75
CA SER B 255 0.32 -19.77 9.19
C SER B 255 0.15 -20.68 7.97
N LYS B 256 -0.68 -20.25 7.03
CA LYS B 256 -0.85 -20.98 5.78
C LYS B 256 0.50 -21.15 5.08
N LEU B 257 1.20 -20.03 4.89
CA LEU B 257 2.43 -20.01 4.11
C LEU B 257 3.66 -20.55 4.83
N MET B 258 3.75 -20.31 6.14
CA MET B 258 4.76 -20.99 6.97
C MET B 258 4.36 -22.42 7.27
N GLY B 259 3.12 -22.77 6.91
CA GLY B 259 2.66 -24.13 7.12
C GLY B 259 3.48 -25.14 6.35
N TYR B 260 3.78 -24.78 5.10
CA TYR B 260 4.55 -25.65 4.20
C TYR B 260 5.96 -25.91 4.74
N ASP B 261 6.48 -27.10 4.45
CA ASP B 261 7.85 -27.42 4.81
C ASP B 261 8.83 -26.71 3.87
N THR B 262 8.66 -26.90 2.57
CA THR B 262 9.64 -26.40 1.62
C THR B 262 8.97 -25.60 0.51
N PHE B 263 8.21 -24.59 0.92
CA PHE B 263 7.46 -23.76 0.01
C PHE B 263 8.38 -23.09 -0.99
N ASP B 264 9.57 -22.72 -0.54
CA ASP B 264 10.47 -21.92 -1.38
C ASP B 264 11.06 -22.77 -2.51
N GLN B 265 10.93 -24.09 -2.42
CA GLN B 265 11.47 -24.98 -3.45
C GLN B 265 10.39 -25.47 -4.40
N PHE B 266 9.16 -25.00 -4.21
CA PHE B 266 8.14 -25.19 -5.23
C PHE B 266 8.55 -24.37 -6.46
N THR B 267 7.96 -24.69 -7.62
CA THR B 267 8.18 -23.91 -8.80
C THR B 267 7.68 -22.48 -8.56
N GLU B 268 8.15 -21.56 -9.37
CA GLU B 268 7.70 -20.20 -9.26
C GLU B 268 6.18 -20.14 -9.47
N GLU B 269 5.71 -20.86 -10.49
CA GLU B 269 4.31 -20.88 -10.89
C GLU B 269 3.46 -21.32 -9.69
N ARG B 270 3.89 -22.39 -9.01
CA ARG B 270 3.17 -22.92 -7.86
C ARG B 270 3.23 -21.96 -6.66
N ARG B 271 4.36 -21.30 -6.45
CA ARG B 271 4.47 -20.37 -5.33
C ARG B 271 3.48 -19.24 -5.53
N SEP B 272 3.47 -18.69 -6.74
CA SEP B 272 2.51 -17.65 -7.10
CB SEP B 272 2.76 -17.15 -8.50
OG SEP B 272 4.00 -16.51 -8.42
C SEP B 272 1.05 -18.08 -7.01
O SEP B 272 0.17 -17.22 -6.84
N SEP B 273 0.78 -19.36 -7.20
CA SEP B 273 -0.58 -19.86 -7.20
CB SEP B 273 -0.70 -21.26 -7.82
OG SEP B 273 -1.03 -20.97 -9.15
C SEP B 273 -1.08 -19.91 -5.79
O SEP B 273 -2.18 -19.45 -5.52
P SEP B 273 -2.13 -21.82 -9.87
O1P SEP B 273 -3.51 -21.33 -9.37
O2P SEP B 273 -2.07 -23.39 -9.56
O3P SEP B 273 -1.63 -21.62 -11.34
N ILE B 274 -0.28 -20.49 -4.92
CA ILE B 274 -0.60 -20.55 -3.50
C ILE B 274 -0.73 -19.13 -2.88
N LEU B 275 0.24 -18.27 -3.16
CA LEU B 275 0.16 -16.91 -2.68
C LEU B 275 -1.16 -16.28 -3.14
N THR B 276 -1.49 -16.46 -4.41
CA THR B 276 -2.65 -15.80 -4.97
C THR B 276 -3.92 -16.29 -4.31
N GLU B 277 -3.95 -17.57 -3.99
CA GLU B 277 -5.14 -18.23 -3.54
C GLU B 277 -5.31 -17.79 -2.10
N THR B 278 -4.19 -17.81 -1.39
CA THR B 278 -4.21 -17.47 0.03
C THR B 278 -4.63 -16.02 0.26
N LEU B 279 -4.35 -15.13 -0.68
CA LEU B 279 -4.70 -13.72 -0.56
C LEU B 279 -6.19 -13.53 -0.80
N ARG B 280 -6.75 -14.37 -1.65
CA ARG B 280 -8.15 -14.24 -1.98
C ARG B 280 -9.03 -14.75 -0.85
N ARG B 281 -8.58 -15.77 -0.15
CA ARG B 281 -9.32 -16.27 0.98
C ARG B 281 -9.54 -15.14 1.96
N PHE B 282 -8.49 -14.38 2.28
CA PHE B 282 -8.57 -13.46 3.42
C PHE B 282 -8.63 -11.97 3.04
N SEP B 283 -9.84 -11.45 2.75
CA SEP B 283 -10.04 -10.10 2.18
CB SEP B 283 -11.51 -9.90 1.64
OG SEP B 283 -12.40 -10.94 2.10
C SEP B 283 -9.62 -8.94 3.14
O SEP B 283 -10.51 -8.18 3.60
N SER C 1 25.12 -4.94 11.90
CA SER C 1 24.63 -3.59 11.48
C SER C 1 25.81 -2.63 11.28
N THR C 2 25.57 -1.56 10.54
CA THR C 2 26.48 -0.42 10.54
C THR C 2 25.70 0.88 10.55
N THR C 3 26.42 1.98 10.67
CA THR C 3 25.77 3.26 10.81
C THR C 3 26.40 4.17 9.77
N GLY C 4 25.66 5.19 9.36
CA GLY C 4 26.28 6.28 8.65
C GLY C 4 26.77 7.28 9.67
N ILE C 5 27.45 8.31 9.22
CA ILE C 5 27.83 9.32 10.15
C ILE C 5 27.79 10.65 9.44
N ILE C 6 27.17 11.60 10.12
CA ILE C 6 26.97 12.94 9.60
C ILE C 6 27.45 13.98 10.62
N MET C 7 28.17 14.95 10.09
CA MET C 7 28.56 16.11 10.86
C MET C 7 28.18 17.30 10.02
N GLU C 8 27.37 18.19 10.59
CA GLU C 8 26.95 19.39 9.90
C GLU C 8 27.48 20.64 10.61
N ASN C 9 28.35 21.36 9.91
CA ASN C 9 28.96 22.56 10.45
C ASN C 9 29.31 22.41 11.93
N VAL C 10 30.21 21.48 12.25
CA VAL C 10 30.52 21.17 13.64
C VAL C 10 31.74 21.91 14.16
N THR C 11 31.60 22.54 15.32
CA THR C 11 32.74 23.15 15.99
C THR C 11 32.78 22.66 17.43
N ALA C 12 33.97 22.28 17.87
CA ALA C 12 34.14 21.84 19.25
C ALA C 12 35.29 22.63 19.89
N PHE C 13 35.07 23.07 21.14
CA PHE C 13 36.02 23.89 21.86
C PHE C 13 36.85 23.03 22.82
N TRP C 14 38.04 23.52 23.16
CA TRP C 14 38.81 22.96 24.26
C TRP C 14 37.98 23.02 25.55
N GLU C 15 37.87 21.88 26.22
CA GLU C 15 37.23 21.81 27.53
C GLU C 15 38.22 21.16 28.50
N GLU C 16 38.03 21.38 29.78
CA GLU C 16 38.94 20.87 30.78
C GLU C 16 39.09 19.36 30.75
N GLY C 17 40.33 18.90 30.82
CA GLY C 17 40.61 17.47 30.92
C GLY C 17 40.94 16.84 29.59
N PHE C 18 40.45 17.47 28.53
CA PHE C 18 40.55 16.89 27.21
C PHE C 18 42.03 16.69 26.85
N GLY C 19 42.85 17.66 27.26
CA GLY C 19 44.26 17.61 26.92
C GLY C 19 45.01 16.49 27.64
N GLU C 20 44.67 16.25 28.90
CA GLU C 20 45.28 15.16 29.66
C GLU C 20 44.90 13.84 29.00
N LEU C 21 43.66 13.76 28.50
CA LEU C 21 43.18 12.57 27.79
C LEU C 21 44.01 12.32 26.53
N LEU C 22 44.23 13.36 25.74
CA LEU C 22 45.08 13.22 24.54
C LEU C 22 46.48 12.73 24.93
N GLU C 23 46.97 13.14 26.10
CA GLU C 23 48.29 12.71 26.53
C GLU C 23 48.24 11.25 26.95
N LYS C 24 47.05 10.81 27.38
CA LYS C 24 46.83 9.46 27.89
C LYS C 24 46.52 8.50 26.74
N VAL C 25 46.71 8.97 25.51
CA VAL C 25 46.98 8.07 24.41
C VAL C 25 48.48 8.11 24.20
N GLN C 26 49.20 7.42 25.08
CA GLN C 26 50.61 7.10 24.89
C GLN C 26 51.15 6.12 25.94
N LYS C 33 59.89 13.84 15.71
CA LYS C 33 58.89 14.12 16.77
C LYS C 33 58.88 15.60 17.14
N HIS C 34 57.68 16.14 17.13
CA HIS C 34 57.46 17.55 17.32
C HIS C 34 56.77 17.76 18.66
N SEP C 35 57.36 17.14 19.69
CA SEP C 35 56.98 17.42 21.07
CB SEP C 35 57.29 16.21 21.98
OG SEP C 35 58.72 16.16 22.21
C SEP C 35 57.71 18.70 21.55
O SEP C 35 57.25 19.38 22.49
P SEP C 35 59.24 15.68 23.68
O1P SEP C 35 60.08 16.94 24.28
O2P SEP C 35 60.25 14.39 23.54
O3P SEP C 35 57.89 15.13 24.42
N SER C 36 58.84 19.02 20.89
CA SER C 36 59.47 20.34 21.00
C SER C 36 58.57 21.47 20.43
N ASP C 37 57.69 21.17 19.47
CA ASP C 37 56.74 22.18 18.96
C ASP C 37 55.64 22.56 19.99
N GLU C 38 55.47 21.72 21.01
CA GLU C 38 54.35 21.84 21.95
C GLU C 38 54.72 22.50 23.27
N ASN C 39 55.96 22.98 23.42
CA ASN C 39 56.49 23.26 24.76
C ASN C 39 56.05 24.56 25.46
N ASN C 40 55.20 25.38 24.83
CA ASN C 40 54.43 26.38 25.55
C ASN C 40 52.96 26.28 25.22
N VAL C 41 52.52 25.06 24.91
CA VAL C 41 51.10 24.74 24.97
C VAL C 41 50.71 24.62 26.45
N SER C 42 49.65 25.32 26.83
CA SER C 42 49.06 25.21 28.17
C SER C 42 47.59 24.81 27.96
N PHE C 43 47.20 23.60 28.35
CA PHE C 43 45.83 23.16 28.12
C PHE C 43 44.89 24.07 28.83
N SER C 44 45.33 24.58 29.97
CA SER C 44 44.54 25.51 30.72
C SER C 44 44.31 26.81 29.95
N HIS C 45 45.31 27.25 29.20
CA HIS C 45 45.16 28.48 28.44
C HIS C 45 44.17 28.35 27.32
N LEU C 46 44.25 27.23 26.61
CA LEU C 46 43.33 26.96 25.53
C LEU C 46 41.89 26.95 26.03
N CYS C 47 41.68 26.58 27.30
CA CYS C 47 40.32 26.52 27.87
C CYS C 47 39.89 27.86 28.43
N LEU C 48 40.82 28.60 29.01
CA LEU C 48 40.50 29.92 29.51
C LEU C 48 39.98 30.72 28.32
N VAL C 49 40.82 30.73 27.26
CA VAL C 49 40.72 31.60 26.09
C VAL C 49 39.56 31.24 25.12
N GLY C 50 38.93 30.07 25.31
CA GLY C 50 37.78 29.70 24.48
C GLY C 50 38.05 29.37 23.01
N ASN C 51 38.91 28.38 22.76
CA ASN C 51 39.42 28.14 21.42
C ASN C 51 38.90 26.83 20.84
N PRO C 52 38.47 26.85 19.58
CA PRO C 52 38.14 25.58 18.91
C PRO C 52 39.33 24.62 18.82
N VAL C 53 39.11 23.33 19.06
CA VAL C 53 40.06 22.35 18.55
C VAL C 53 39.65 21.89 17.15
N LEU C 54 38.34 21.92 16.87
CA LEU C 54 37.85 21.60 15.54
C LEU C 54 36.82 22.62 15.11
N LYS C 55 36.90 23.06 13.85
CA LYS C 55 36.05 24.16 13.38
C LYS C 55 35.38 23.92 12.04
N ASN C 56 34.07 24.16 11.98
CA ASN C 56 33.28 24.01 10.74
C ASN C 56 33.54 22.69 10.04
N ILE C 57 33.41 21.59 10.78
CA ILE C 57 33.62 20.29 10.18
C ILE C 57 32.32 19.80 9.53
N ASN C 58 32.43 19.41 8.27
CA ASN C 58 31.30 18.82 7.55
C ASN C 58 31.72 17.50 6.98
N LEU C 59 30.89 16.48 7.18
CA LEU C 59 31.08 15.22 6.49
C LEU C 59 29.80 14.39 6.48
N ASN C 60 29.65 13.58 5.44
CA ASN C 60 28.49 12.69 5.31
C ASN C 60 28.94 11.32 4.82
N ILE C 61 29.01 10.36 5.73
CA ILE C 61 29.56 9.05 5.40
C ILE C 61 28.42 8.04 5.41
N GLU C 62 28.23 7.35 4.29
CA GLU C 62 27.17 6.33 4.17
C GLU C 62 27.56 5.03 4.82
N LYS C 63 26.55 4.23 5.17
CA LYS C 63 26.73 2.87 5.67
C LYS C 63 27.70 2.09 4.80
N GLY C 64 28.74 1.51 5.42
CA GLY C 64 29.72 0.72 4.70
C GLY C 64 30.80 1.48 3.94
N GLU C 65 30.77 2.81 3.97
CA GLU C 65 31.84 3.61 3.39
C GLU C 65 33.08 3.72 4.28
N MET C 66 34.22 3.92 3.65
CA MET C 66 35.45 4.21 4.37
C MET C 66 35.82 5.69 4.18
N LEU C 67 35.94 6.39 5.30
CA LEU C 67 36.43 7.77 5.32
C LEU C 67 37.93 7.74 5.66
N ALA C 68 38.79 8.23 4.76
CA ALA C 68 40.21 8.42 5.08
C ALA C 68 40.45 9.84 5.64
N ILE C 69 40.90 9.93 6.89
CA ILE C 69 41.28 11.20 7.49
C ILE C 69 42.79 11.37 7.49
N THR C 70 43.26 12.44 6.86
CA THR C 70 44.67 12.80 6.92
C THR C 70 44.87 14.29 7.18
N GLY C 71 46.11 14.73 7.09
CA GLY C 71 46.36 16.13 7.35
C GLY C 71 47.73 16.39 7.92
N SER C 72 47.91 17.63 8.40
CA SER C 72 49.22 18.02 8.95
C SER C 72 49.30 17.47 10.36
N THR C 73 50.51 17.29 10.87
CA THR C 73 50.65 16.83 12.23
C THR C 73 50.06 17.87 13.17
N GLY C 74 49.30 17.39 14.15
CA GLY C 74 48.69 18.29 15.11
C GLY C 74 47.41 18.94 14.64
N SER C 75 46.81 18.43 13.57
CA SER C 75 45.65 19.14 12.98
C SER C 75 44.28 18.87 13.59
N GLY C 76 44.19 17.96 14.57
CA GLY C 76 42.90 17.61 15.12
C GLY C 76 42.35 16.24 14.69
N LYS C 77 43.17 15.40 14.06
CA LYS C 77 42.72 14.09 13.59
C LYS C 77 42.19 13.18 14.74
N THR C 78 43.00 13.01 15.78
CA THR C 78 42.59 12.21 16.93
C THR C 78 41.41 12.86 17.68
N SER C 79 41.42 14.18 17.71
CA SER C 79 40.37 14.91 18.39
C SER C 79 39.04 14.65 17.70
N LEU C 80 39.04 14.58 16.37
CA LEU C 80 37.82 14.25 15.62
C LEU C 80 37.29 12.89 16.04
N LEU C 81 38.18 11.92 16.24
CA LEU C 81 37.77 10.62 16.70
C LEU C 81 37.16 10.71 18.10
N MET C 82 37.66 11.64 18.93
CA MET C 82 37.21 11.76 20.31
C MET C 82 35.81 12.36 20.36
N LEU C 83 35.54 13.23 19.40
CA LEU C 83 34.24 13.82 19.22
C LEU C 83 33.20 12.70 18.97
N ILE C 84 33.46 11.86 17.97
CA ILE C 84 32.62 10.69 17.72
C ILE C 84 32.48 9.81 18.96
N LEU C 85 33.52 9.65 19.76
CA LEU C 85 33.42 8.82 20.97
C LEU C 85 32.65 9.50 22.08
N GLY C 86 32.38 10.79 21.94
CA GLY C 86 31.69 11.53 23.00
C GLY C 86 32.61 12.07 24.09
N GLU C 87 33.92 12.04 23.86
CA GLU C 87 34.86 12.56 24.83
C GLU C 87 35.00 14.08 24.66
N LEU C 88 34.59 14.57 23.51
CA LEU C 88 34.56 16.00 23.22
C LEU C 88 33.13 16.30 22.74
N GLU C 89 32.59 17.45 23.11
CA GLU C 89 31.22 17.76 22.67
C GLU C 89 31.16 18.86 21.63
N ALA C 90 30.32 18.68 20.63
CA ALA C 90 30.08 19.70 19.63
C ALA C 90 29.43 20.88 20.31
N SER C 91 29.98 22.07 20.14
CA SER C 91 29.42 23.23 20.81
C SER C 91 28.49 23.89 19.80
N GLU C 92 28.90 23.89 18.53
CA GLU C 92 28.01 24.16 17.39
C GLU C 92 27.85 22.93 16.50
N GLY C 93 26.73 22.85 15.80
CA GLY C 93 26.59 21.85 14.77
C GLY C 93 25.90 20.58 15.22
N ILE C 94 25.71 19.66 14.27
CA ILE C 94 24.97 18.42 14.48
C ILE C 94 25.87 17.20 14.18
N ILE C 95 25.89 16.27 15.12
CA ILE C 95 26.53 14.97 14.91
C ILE C 95 25.49 13.86 15.01
N LYS C 96 25.37 13.07 13.94
CA LYS C 96 24.45 11.92 13.94
C LYS C 96 25.18 10.64 13.60
N HIS C 97 25.03 9.64 14.46
CA HIS C 97 25.41 8.27 14.17
C HIS C 97 24.79 7.46 15.29
N SER C 98 24.71 6.15 15.11
CA SER C 98 24.11 5.31 16.14
C SER C 98 24.86 4.02 16.24
N GLY C 99 24.61 3.28 17.31
CA GLY C 99 25.27 2.00 17.49
C GLY C 99 26.60 2.02 18.24
N ARG C 100 27.17 0.82 18.44
CA ARG C 100 28.49 0.65 19.02
C ARG C 100 29.52 1.23 18.06
N VAL C 101 30.52 1.89 18.61
CA VAL C 101 31.70 2.11 17.82
C VAL C 101 32.83 1.35 18.47
N SER C 102 33.79 0.94 17.62
CA SER C 102 35.00 0.24 18.04
C SER C 102 36.18 1.16 17.73
N PHE C 103 37.03 1.37 18.72
CA PHE C 103 38.12 2.32 18.62
C PHE C 103 39.49 1.66 18.69
N CYS C 104 40.32 1.92 17.69
CA CYS C 104 41.70 1.42 17.69
C CYS C 104 42.65 2.63 17.84
N SER C 105 43.17 2.83 19.03
CA SER C 105 43.99 4.03 19.26
C SER C 105 45.39 3.96 18.65
N GLN C 106 45.97 5.15 18.51
CA GLN C 106 47.35 5.38 18.09
C GLN C 106 48.33 4.63 19.00
N PHE C 107 48.10 4.70 20.31
CA PHE C 107 48.86 3.89 21.26
C PHE C 107 48.30 2.48 21.27
N SER C 108 49.14 1.52 20.95
CA SER C 108 48.77 0.11 20.97
C SER C 108 48.84 -0.50 22.37
N TRP C 109 47.73 -0.60 23.09
CA TRP C 109 47.76 -1.28 24.38
C TRP C 109 47.60 -2.83 24.34
N ILE C 110 48.36 -3.47 25.22
CA ILE C 110 48.41 -4.92 25.42
C ILE C 110 48.14 -5.21 26.90
N MET C 111 47.01 -5.86 27.21
CA MET C 111 46.68 -6.37 28.54
C MET C 111 47.44 -7.66 28.85
N PRO C 112 47.60 -7.98 30.16
CA PRO C 112 48.19 -9.27 30.62
C PRO C 112 47.36 -10.40 30.06
N GLY C 113 48.01 -11.37 29.45
CA GLY C 113 47.27 -12.48 28.85
C GLY C 113 47.91 -12.97 27.55
N THR C 114 47.27 -13.92 26.90
CA THR C 114 47.78 -14.39 25.66
C THR C 114 47.47 -13.40 24.52
N ILE C 115 48.07 -13.67 23.37
CA ILE C 115 47.79 -12.89 22.18
C ILE C 115 46.30 -13.04 21.87
N LYS C 116 45.83 -14.26 21.92
CA LYS C 116 44.42 -14.55 21.65
C LYS C 116 43.49 -13.84 22.67
N GLU C 117 43.82 -13.93 23.95
CA GLU C 117 43.07 -13.22 24.98
C GLU C 117 43.03 -11.74 24.69
N ASN C 118 44.15 -11.21 24.22
CA ASN C 118 44.21 -9.80 23.85
C ASN C 118 43.31 -9.44 22.70
N ILE C 119 43.12 -10.37 21.77
CA ILE C 119 42.32 -10.05 20.61
C ILE C 119 40.83 -10.12 20.90
N ILE C 120 40.39 -11.08 21.72
CA ILE C 120 38.94 -11.24 21.97
C ILE C 120 38.56 -10.62 23.31
N PHE C 121 39.42 -9.74 23.81
CA PHE C 121 39.27 -9.14 25.11
C PHE C 121 37.82 -8.72 25.43
N GLY C 122 37.20 -9.36 26.40
CA GLY C 122 35.90 -8.92 26.86
C GLY C 122 34.71 -9.19 25.94
N VAL C 123 34.87 -10.09 24.98
CA VAL C 123 33.85 -10.28 23.95
C VAL C 123 33.73 -11.78 23.79
N SER C 124 32.60 -12.25 23.24
CA SER C 124 32.39 -13.69 23.14
C SER C 124 33.20 -14.29 22.01
N TYR C 125 33.77 -15.47 22.26
CA TYR C 125 34.61 -16.12 21.28
C TYR C 125 33.78 -16.71 20.13
N ASP C 126 34.28 -16.55 18.90
CA ASP C 126 33.67 -17.13 17.72
C ASP C 126 34.79 -17.59 16.79
N GLU C 127 35.02 -18.89 16.72
CA GLU C 127 36.19 -19.46 16.10
C GLU C 127 36.38 -18.96 14.69
N TYR C 128 35.28 -18.97 13.93
CA TYR C 128 35.33 -18.56 12.55
C TYR C 128 35.76 -17.08 12.42
N ARG C 129 35.13 -16.21 13.20
CA ARG C 129 35.38 -14.78 13.11
C ARG C 129 36.83 -14.49 13.54
N TYR C 130 37.28 -15.18 14.58
CA TYR C 130 38.62 -15.00 15.10
C TYR C 130 39.70 -15.36 14.07
N LYS C 131 39.66 -16.59 13.56
CA LYS C 131 40.62 -17.05 12.56
C LYS C 131 40.63 -16.11 11.37
N SER C 132 39.47 -15.60 11.05
CA SER C 132 39.27 -14.70 9.94
C SER C 132 40.04 -13.38 10.15
N VAL C 133 39.98 -12.88 11.38
CA VAL C 133 40.57 -11.58 11.69
C VAL C 133 42.10 -11.77 11.81
N VAL C 134 42.49 -12.83 12.53
CA VAL C 134 43.89 -13.15 12.66
C VAL C 134 44.56 -13.19 11.30
N LYS C 135 43.89 -13.77 10.32
CA LYS C 135 44.50 -13.97 9.00
C LYS C 135 44.58 -12.60 8.28
N ALA C 136 43.49 -11.87 8.29
CA ALA C 136 43.42 -10.65 7.54
C ALA C 136 44.37 -9.57 8.14
N CYS C 137 44.61 -9.62 9.44
CA CYS C 137 45.55 -8.72 10.06
C CYS C 137 46.98 -9.21 9.96
N GLN C 138 47.19 -10.28 9.21
CA GLN C 138 48.55 -10.75 8.92
C GLN C 138 49.29 -11.10 10.21
N LEU C 139 48.56 -11.67 11.14
CA LEU C 139 49.10 -12.15 12.40
C LEU C 139 49.60 -13.58 12.33
N GLN C 140 49.14 -14.32 11.33
CA GLN C 140 49.53 -15.74 11.16
C GLN C 140 51.05 -15.89 10.99
N GLN C 141 51.65 -14.92 10.30
CA GLN C 141 53.10 -14.86 10.12
C GLN C 141 53.83 -14.54 11.43
N ASP C 142 53.15 -13.84 12.32
CA ASP C 142 53.74 -13.51 13.60
C ASP C 142 53.63 -14.69 14.57
N ILE C 143 52.42 -15.22 14.76
CA ILE C 143 52.22 -16.24 15.78
C ILE C 143 52.90 -17.54 15.44
N THR C 144 53.09 -17.81 14.15
CA THR C 144 53.79 -19.03 13.78
C THR C 144 55.27 -19.07 14.20
N LYS C 145 55.83 -17.93 14.60
CA LYS C 145 57.20 -17.88 15.09
C LYS C 145 57.29 -18.28 16.54
N PHE C 146 56.15 -18.45 17.21
CA PHE C 146 56.14 -18.66 18.66
C PHE C 146 55.78 -20.12 19.03
N ALA C 147 56.50 -20.67 20.00
CA ALA C 147 56.23 -22.03 20.48
C ALA C 147 54.73 -22.33 20.74
N GLU C 148 54.02 -21.45 21.47
CA GLU C 148 52.59 -21.65 21.77
C GLU C 148 51.66 -20.85 20.86
N GLN C 149 52.24 -20.33 19.77
CA GLN C 149 51.46 -19.56 18.82
C GLN C 149 50.59 -18.48 19.47
N ASP C 150 49.33 -18.39 19.08
CA ASP C 150 48.49 -17.39 19.71
C ASP C 150 48.10 -17.66 21.17
N ASN C 151 48.58 -18.77 21.74
CA ASN C 151 48.44 -18.96 23.19
C ASN C 151 49.70 -18.52 23.91
N THR C 152 50.60 -17.84 23.19
CA THR C 152 51.77 -17.25 23.82
C THR C 152 51.31 -16.15 24.80
N VAL C 153 51.79 -16.23 26.03
CA VAL C 153 51.49 -15.25 27.05
C VAL C 153 52.35 -14.01 26.88
N LEU C 154 51.65 -12.83 26.74
CA LEU C 154 52.41 -11.62 26.56
C LEU C 154 52.78 -11.15 27.95
N GLY C 155 53.88 -11.73 28.42
CA GLY C 155 54.36 -11.50 29.78
C GLY C 155 54.82 -10.08 30.02
N GLU C 156 54.48 -9.15 29.10
CA GLU C 156 54.58 -7.67 29.32
C GLU C 156 53.37 -6.95 28.72
N GLY C 157 53.34 -5.62 28.83
CA GLY C 157 52.57 -4.86 27.86
C GLY C 157 53.09 -5.16 26.45
N GLY C 158 53.38 -6.44 26.17
CA GLY C 158 53.99 -6.84 24.91
C GLY C 158 55.27 -6.12 24.55
N VAL C 159 56.07 -5.81 25.56
CA VAL C 159 57.19 -4.91 25.39
C VAL C 159 58.28 -5.41 24.43
N THR C 160 58.48 -6.71 24.30
CA THR C 160 59.50 -7.28 23.44
C THR C 160 59.02 -7.56 22.01
N LEU C 161 57.77 -7.28 21.72
CA LEU C 161 57.21 -7.40 20.38
C LEU C 161 57.69 -6.18 19.56
N SER C 162 57.57 -6.23 18.23
CA SER C 162 57.83 -5.02 17.47
C SER C 162 56.63 -4.06 17.64
N GLY C 163 56.81 -2.81 17.20
CA GLY C 163 55.69 -1.90 17.13
C GLY C 163 54.63 -2.36 16.14
N GLY C 164 55.07 -2.95 15.03
CA GLY C 164 54.12 -3.44 14.03
C GLY C 164 53.29 -4.58 14.60
N GLN C 165 53.95 -5.50 15.33
CA GLN C 165 53.24 -6.58 16.01
C GLN C 165 52.19 -6.11 17.01
N ARG C 166 52.55 -5.14 17.85
CA ARG C 166 51.62 -4.57 18.80
C ARG C 166 50.47 -3.84 18.09
N ALA C 167 50.76 -3.13 17.00
CA ALA C 167 49.72 -2.45 16.25
C ALA C 167 48.72 -3.47 15.67
N ARG C 168 49.24 -4.57 15.10
CA ARG C 168 48.40 -5.59 14.44
C ARG C 168 47.50 -6.32 15.46
N ILE C 169 48.04 -6.68 16.62
CA ILE C 169 47.25 -7.24 17.72
C ILE C 169 46.16 -6.26 18.15
N SER C 170 46.51 -4.97 18.19
CA SER C 170 45.58 -3.94 18.64
C SER C 170 44.49 -3.65 17.58
N LEU C 171 44.88 -3.61 16.32
CA LEU C 171 43.93 -3.61 15.20
C LEU C 171 42.98 -4.82 15.27
N ALA C 172 43.53 -6.01 15.45
CA ALA C 172 42.72 -7.22 15.41
C ALA C 172 41.66 -7.16 16.51
N ARG C 173 42.06 -6.72 17.71
CA ARG C 173 41.12 -6.47 18.77
C ARG C 173 39.96 -5.54 18.34
N ALA C 174 40.29 -4.41 17.75
CA ALA C 174 39.26 -3.43 17.40
C ALA C 174 38.31 -4.02 16.34
N VAL C 175 38.90 -4.80 15.43
CA VAL C 175 38.20 -5.33 14.28
C VAL C 175 37.34 -6.55 14.66
N TYR C 176 37.80 -7.29 15.65
CA TYR C 176 37.09 -8.44 16.12
C TYR C 176 35.78 -8.06 16.78
N LYS C 177 35.81 -7.01 17.59
CA LYS C 177 34.63 -6.38 18.15
C LYS C 177 33.59 -6.17 17.03
N ASP C 178 32.38 -6.64 17.27
CA ASP C 178 31.30 -6.36 16.35
C ASP C 178 30.70 -5.02 16.69
N ALA C 179 30.82 -4.04 15.79
CA ALA C 179 30.28 -2.73 16.11
C ALA C 179 29.73 -2.13 14.84
N ASP C 180 28.99 -1.02 14.96
CA ASP C 180 28.50 -0.29 13.81
C ASP C 180 29.48 0.67 13.16
N LEU C 181 30.44 1.19 13.94
CA LEU C 181 31.41 2.15 13.42
C LEU C 181 32.84 1.80 13.93
N TYR C 182 33.79 1.75 13.01
CA TYR C 182 35.21 1.49 13.33
C TYR C 182 36.07 2.74 13.16
N LEU C 183 36.74 3.14 14.25
CA LEU C 183 37.66 4.31 14.25
C LEU C 183 39.09 3.79 14.37
N LEU C 184 39.85 3.89 13.29
CA LEU C 184 41.21 3.34 13.22
C LEU C 184 42.24 4.53 13.16
N ASP C 185 42.90 4.80 14.28
CA ASP C 185 43.81 5.96 14.38
C ASP C 185 45.23 5.55 14.12
N SER C 186 45.67 5.70 12.88
CA SER C 186 47.09 5.57 12.49
C SER C 186 47.70 4.23 12.75
N PRO C 187 47.01 3.12 12.45
CA PRO C 187 47.69 1.84 12.66
C PRO C 187 48.89 1.65 11.75
N PHE C 188 48.92 2.36 10.64
CA PHE C 188 49.93 2.02 9.65
C PHE C 188 51.09 3.00 9.67
N GLY C 189 51.95 2.87 10.69
CA GLY C 189 52.95 3.89 10.96
C GLY C 189 54.32 3.30 11.28
N TYR C 190 54.57 2.04 10.95
CA TYR C 190 55.80 1.39 11.37
C TYR C 190 56.68 1.04 10.16
N LEU C 191 57.81 0.38 10.42
CA LEU C 191 58.85 0.16 9.42
C LEU C 191 58.58 -1.00 8.47
N ASP C 192 57.77 -1.97 8.90
CA ASP C 192 57.47 -3.15 8.09
C ASP C 192 56.32 -2.86 7.16
N VAL C 193 56.67 -2.21 6.07
CA VAL C 193 55.75 -1.38 5.35
C VAL C 193 54.98 -2.24 4.36
N PHE C 194 55.63 -3.27 3.84
CA PHE C 194 54.96 -4.28 3.04
C PHE C 194 53.89 -5.07 3.80
N THR C 195 54.14 -5.43 5.06
CA THR C 195 53.10 -6.08 5.84
C THR C 195 51.90 -5.15 5.96
N GLU C 196 52.16 -3.87 6.19
CA GLU C 196 51.09 -2.87 6.37
C GLU C 196 50.24 -2.71 5.12
N GLU C 197 50.89 -2.81 3.95
CA GLU C 197 50.18 -2.84 2.68
C GLU C 197 49.20 -4.00 2.60
N GLN C 198 49.65 -5.22 2.92
CA GLN C 198 48.75 -6.39 2.91
C GLN C 198 47.58 -6.19 3.90
N VAL C 199 47.88 -5.65 5.10
CA VAL C 199 46.86 -5.49 6.13
C VAL C 199 45.81 -4.53 5.62
N PHE C 200 46.25 -3.46 4.99
CA PHE C 200 45.30 -2.48 4.51
C PHE C 200 44.35 -3.14 3.49
N GLU C 201 44.92 -3.91 2.57
CA GLU C 201 44.18 -4.64 1.55
C GLU C 201 43.24 -5.69 2.15
N SER C 202 43.78 -6.60 2.95
CA SER C 202 43.02 -7.74 3.42
C SER C 202 42.05 -7.43 4.53
N CYS C 203 42.43 -6.49 5.40
CA CYS C 203 41.62 -6.20 6.56
C CYS C 203 40.72 -5.02 6.31
N VAL C 204 41.29 -3.86 5.96
CA VAL C 204 40.50 -2.64 5.92
C VAL C 204 39.61 -2.55 4.68
N CYS C 205 40.13 -3.00 3.55
CA CYS C 205 39.43 -2.99 2.27
C CYS C 205 38.52 -4.22 2.09
N LYS C 206 39.05 -5.41 2.37
CA LYS C 206 38.31 -6.65 2.12
C LYS C 206 37.48 -7.11 3.30
N LEU C 207 38.12 -7.60 4.37
CA LEU C 207 37.35 -8.04 5.54
C LEU C 207 36.31 -7.02 6.02
N MET C 208 36.62 -5.74 5.94
CA MET C 208 35.73 -4.75 6.57
C MET C 208 34.90 -4.00 5.56
N ALA C 209 34.84 -4.49 4.33
CA ALA C 209 34.20 -3.83 3.19
C ALA C 209 32.79 -3.29 3.46
N ASN C 210 32.07 -3.95 4.36
CA ASN C 210 30.71 -3.48 4.69
C ASN C 210 30.54 -2.84 6.04
N LYS C 211 31.64 -2.58 6.74
CA LYS C 211 31.57 -1.78 7.97
C LYS C 211 31.90 -0.30 7.72
N THR C 212 31.06 0.60 8.21
CA THR C 212 31.45 1.99 8.11
C THR C 212 32.71 2.17 8.96
N ARG C 213 33.72 2.76 8.35
CA ARG C 213 35.02 2.85 8.98
C ARG C 213 35.79 4.12 8.67
N ILE C 214 36.45 4.62 9.71
CA ILE C 214 37.26 5.83 9.65
C ILE C 214 38.72 5.51 9.95
N LEU C 215 39.57 5.71 8.92
CA LEU C 215 40.99 5.43 9.00
C LEU C 215 41.75 6.76 8.98
N VAL C 216 42.44 7.05 10.08
CA VAL C 216 43.39 8.13 10.09
C VAL C 216 44.68 7.58 9.52
N THR C 217 45.25 8.30 8.56
CA THR C 217 46.40 7.80 7.81
C THR C 217 47.31 8.92 7.25
N SER C 218 48.49 8.52 6.79
CA SER C 218 49.36 9.41 6.06
C SER C 218 49.86 8.70 4.81
N LYS C 219 49.11 7.72 4.33
CA LYS C 219 49.41 7.08 3.03
C LYS C 219 48.42 7.46 1.92
N MET C 220 48.95 7.73 0.74
CA MET C 220 48.14 8.21 -0.38
C MET C 220 47.31 7.09 -0.97
N GLU C 221 47.83 5.86 -0.88
CA GLU C 221 47.10 4.71 -1.34
C GLU C 221 45.77 4.63 -0.58
N HIS C 222 45.75 5.05 0.69
CA HIS C 222 44.53 4.93 1.47
C HIS C 222 43.47 5.97 1.05
N LEU C 223 43.94 7.11 0.57
CA LEU C 223 43.09 8.17 0.04
C LEU C 223 42.52 7.72 -1.29
N ARG C 224 43.37 7.06 -2.09
CA ARG C 224 43.01 6.60 -3.40
C ARG C 224 41.89 5.56 -3.32
N LYS C 225 41.94 4.72 -2.29
CA LYS C 225 41.00 3.61 -2.12
C LYS C 225 39.79 3.98 -1.27
N ALA C 226 39.81 5.18 -0.70
CA ALA C 226 38.78 5.60 0.23
C ALA C 226 37.52 6.09 -0.49
N ASP C 227 36.40 6.06 0.19
CA ASP C 227 35.15 6.52 -0.41
C ASP C 227 35.07 8.02 -0.23
N LYS C 228 35.48 8.50 0.94
CA LYS C 228 35.54 9.94 1.21
C LYS C 228 36.84 10.29 1.93
N ILE C 229 37.25 11.55 1.80
CA ILE C 229 38.51 12.02 2.32
C ILE C 229 38.32 13.32 3.08
N LEU C 230 38.81 13.36 4.32
CA LEU C 230 38.91 14.59 5.09
C LEU C 230 40.42 14.90 5.24
N ILE C 231 40.82 16.09 4.85
CA ILE C 231 42.16 16.59 5.13
C ILE C 231 42.06 17.76 6.09
N LEU C 232 42.81 17.65 7.19
CA LEU C 232 42.70 18.60 8.28
C LEU C 232 43.97 19.45 8.31
N HIS C 233 43.80 20.73 8.68
CA HIS C 233 44.94 21.62 8.93
C HIS C 233 44.54 22.61 9.99
N GLN C 234 45.27 22.59 11.11
CA GLN C 234 45.09 23.58 12.17
C GLN C 234 43.63 23.57 12.62
N GLY C 235 43.05 22.38 12.69
CA GLY C 235 41.69 22.28 13.22
C GLY C 235 40.59 22.57 12.20
N SER C 236 40.94 22.88 10.97
CA SER C 236 39.88 22.93 9.99
C SER C 236 40.06 22.08 8.74
N SER C 237 38.99 22.09 7.95
CA SER C 237 38.85 21.19 6.83
C SER C 237 39.56 21.82 5.63
N TYR C 238 40.75 21.34 5.34
CA TYR C 238 41.47 21.84 4.20
C TYR C 238 40.76 21.34 2.97
N PHE C 239 40.05 20.21 3.11
CA PHE C 239 39.43 19.51 1.98
C PHE C 239 38.52 18.37 2.43
N TYR C 240 37.32 18.31 1.86
CA TYR C 240 36.44 17.17 2.06
C TYR C 240 35.80 16.76 0.74
N GLY C 241 36.00 15.51 0.36
CA GLY C 241 35.45 15.04 -0.88
C GLY C 241 36.01 13.70 -1.32
N THR C 242 35.89 13.42 -2.63
CA THR C 242 36.29 12.12 -3.15
C THR C 242 37.67 12.29 -3.67
N PHE C 243 38.33 11.18 -3.98
CA PHE C 243 39.69 11.26 -4.45
C PHE C 243 39.73 12.03 -5.75
N SER C 244 38.71 11.82 -6.59
CA SER C 244 38.61 12.51 -7.87
C SER C 244 38.53 14.03 -7.67
N GLU C 245 37.60 14.46 -6.82
CA GLU C 245 37.47 15.87 -6.48
C GLU C 245 38.77 16.46 -5.90
N LEU C 246 39.55 15.67 -5.18
CA LEU C 246 40.79 16.18 -4.59
C LEU C 246 41.80 16.57 -5.68
N GLN C 247 41.87 15.79 -6.75
CA GLN C 247 42.79 16.11 -7.84
C GLN C 247 42.34 17.33 -8.66
N SER C 248 41.04 17.60 -8.68
CA SER C 248 40.46 18.72 -9.42
C SER C 248 40.56 20.00 -8.64
N LEU C 249 40.11 19.95 -7.38
CA LEU C 249 39.95 21.16 -6.58
C LEU C 249 41.16 21.48 -5.70
N ARG C 250 42.12 20.56 -5.62
CA ARG C 250 43.35 20.82 -4.84
C ARG C 250 44.54 20.32 -5.64
N PRO C 251 44.70 20.84 -6.86
CA PRO C 251 45.61 20.27 -7.87
C PRO C 251 47.06 20.39 -7.48
N ASP C 252 47.37 21.40 -6.67
CA ASP C 252 48.76 21.64 -6.28
C ASP C 252 49.20 20.66 -5.21
N PHE C 253 48.35 20.47 -4.20
CA PHE C 253 48.53 19.42 -3.21
C PHE C 253 48.72 18.09 -3.94
N SER C 254 47.76 17.76 -4.80
CA SER C 254 47.74 16.45 -5.44
C SER C 254 49.02 16.15 -6.19
N SER C 255 49.44 17.06 -7.06
CA SER C 255 50.52 16.72 -7.97
C SER C 255 51.83 16.66 -7.19
N LYS C 256 51.88 17.41 -6.09
CA LYS C 256 53.03 17.33 -5.20
C LYS C 256 53.15 15.94 -4.61
N LEU C 257 52.06 15.49 -3.98
CA LEU C 257 52.04 14.20 -3.30
C LEU C 257 52.05 12.98 -4.21
N MET C 258 51.37 13.07 -5.36
CA MET C 258 51.40 11.99 -6.35
C MET C 258 52.71 12.03 -7.10
N GLY C 259 53.41 13.17 -7.02
CA GLY C 259 54.69 13.30 -7.69
C GLY C 259 55.70 12.23 -7.29
N TYR C 260 55.73 11.92 -5.99
CA TYR C 260 56.66 10.95 -5.41
C TYR C 260 56.45 9.55 -5.96
N ASP C 261 57.54 8.79 -6.11
CA ASP C 261 57.43 7.43 -6.61
C ASP C 261 56.87 6.51 -5.52
N THR C 262 57.55 6.48 -4.37
CA THR C 262 57.17 5.60 -3.28
C THR C 262 56.93 6.36 -1.97
N PHE C 263 56.07 7.35 -2.04
CA PHE C 263 55.76 8.17 -0.88
C PHE C 263 55.30 7.29 0.28
N ASP C 264 54.43 6.33 -0.01
CA ASP C 264 53.85 5.47 1.01
C ASP C 264 54.89 4.57 1.71
N GLN C 265 56.10 4.50 1.19
CA GLN C 265 57.16 3.75 1.88
C GLN C 265 58.18 4.60 2.63
N PHE C 266 57.97 5.92 2.65
CA PHE C 266 58.70 6.83 3.54
C PHE C 266 58.31 6.50 4.97
N THR C 267 59.13 6.91 5.93
CA THR C 267 58.76 6.74 7.33
C THR C 267 57.54 7.55 7.59
N GLU C 268 56.82 7.19 8.63
CA GLU C 268 55.65 7.92 9.05
C GLU C 268 56.01 9.36 9.36
N GLU C 269 57.17 9.57 9.98
CA GLU C 269 57.62 10.93 10.30
C GLU C 269 57.83 11.74 9.02
N ARG C 270 58.54 11.17 8.05
CA ARG C 270 58.70 11.82 6.76
C ARG C 270 57.39 12.08 6.00
N ARG C 271 56.46 11.13 5.96
CA ARG C 271 55.18 11.40 5.30
C ARG C 271 54.43 12.58 5.92
N SEP C 272 54.42 12.64 7.24
CA SEP C 272 53.80 13.74 7.97
CB SEP C 272 53.86 13.48 9.45
OG SEP C 272 52.61 12.98 9.80
C SEP C 272 54.42 15.10 7.68
O SEP C 272 53.72 16.11 7.61
N SEP C 273 55.76 15.11 7.54
CA SEP C 273 56.49 16.35 7.28
CB SEP C 273 57.99 16.16 7.25
OG SEP C 273 58.43 16.09 8.58
C SEP C 273 56.06 16.86 5.94
O SEP C 273 55.66 18.00 5.83
P SEP C 273 59.54 17.16 9.04
O1P SEP C 273 59.97 18.06 7.81
O2P SEP C 273 60.84 16.46 9.59
O3P SEP C 273 58.82 17.76 10.26
N ILE C 274 56.13 16.00 4.93
CA ILE C 274 55.74 16.40 3.59
C ILE C 274 54.28 16.89 3.54
N LEU C 275 53.35 16.11 4.06
CA LEU C 275 51.96 16.56 4.18
C LEU C 275 51.82 17.94 4.84
N THR C 276 52.47 18.13 5.99
CA THR C 276 52.43 19.41 6.72
C THR C 276 52.97 20.58 5.87
N GLU C 277 54.12 20.36 5.28
CA GLU C 277 54.78 21.36 4.46
C GLU C 277 53.89 21.72 3.27
N THR C 278 53.29 20.72 2.66
CA THR C 278 52.46 20.94 1.49
C THR C 278 51.17 21.71 1.80
N LEU C 279 50.65 21.52 2.99
CA LEU C 279 49.42 22.18 3.40
C LEU C 279 49.68 23.64 3.71
N ARG C 280 50.92 23.95 4.05
CA ARG C 280 51.27 25.31 4.44
C ARG C 280 51.50 26.19 3.23
N ARG C 281 52.17 25.64 2.21
CA ARG C 281 52.35 26.27 0.92
C ARG C 281 51.00 26.71 0.38
N PHE C 282 50.12 25.73 0.14
CA PHE C 282 48.91 25.94 -0.65
C PHE C 282 47.65 26.19 0.20
N SEP C 283 47.43 27.42 0.66
CA SEP C 283 46.15 27.78 1.31
CB SEP C 283 45.03 27.82 0.27
OG SEP C 283 43.78 28.01 0.96
C SEP C 283 45.77 26.83 2.48
O SEP C 283 46.66 26.06 2.95
N THR D 3 -14.25 -3.29 16.25
CA THR D 3 -15.37 -3.51 17.22
C THR D 3 -15.13 -4.73 18.15
N GLY D 4 -16.20 -5.47 18.42
CA GLY D 4 -16.32 -6.18 19.68
C GLY D 4 -16.69 -5.18 20.77
N ILE D 5 -17.59 -5.56 21.67
CA ILE D 5 -17.69 -4.83 22.92
C ILE D 5 -17.58 -5.82 24.05
N ILE D 6 -16.82 -5.42 25.07
CA ILE D 6 -16.57 -6.25 26.25
C ILE D 6 -16.90 -5.51 27.54
N MET D 7 -17.61 -6.18 28.43
CA MET D 7 -17.79 -5.66 29.77
C MET D 7 -17.40 -6.76 30.75
N GLU D 8 -16.46 -6.44 31.64
CA GLU D 8 -16.01 -7.41 32.66
C GLU D 8 -16.35 -6.90 34.05
N ASN D 9 -17.15 -7.71 34.76
CA ASN D 9 -17.64 -7.35 36.09
C ASN D 9 -17.83 -5.84 36.27
N VAL D 10 -18.79 -5.26 35.54
CA VAL D 10 -19.02 -3.82 35.59
C VAL D 10 -20.16 -3.44 36.53
N THR D 11 -19.92 -2.40 37.32
CA THR D 11 -20.94 -1.85 38.19
C THR D 11 -20.94 -0.33 38.04
N ALA D 12 -22.13 0.26 37.98
CA ALA D 12 -22.21 1.70 37.84
C ALA D 12 -23.26 2.29 38.80
N PHE D 13 -22.88 3.35 39.50
CA PHE D 13 -23.72 3.89 40.57
C PHE D 13 -24.56 5.07 40.11
N TRP D 14 -25.70 5.20 40.78
CA TRP D 14 -26.60 6.34 40.61
C TRP D 14 -25.80 7.60 40.77
N GLU D 15 -25.63 8.29 39.66
CA GLU D 15 -24.89 9.53 39.62
C GLU D 15 -25.89 10.67 39.57
N GLU D 16 -25.47 11.85 40.03
CA GLU D 16 -26.31 13.03 39.98
C GLU D 16 -26.70 13.38 38.53
N GLY D 17 -27.95 13.79 38.36
CA GLY D 17 -28.39 14.32 37.08
C GLY D 17 -28.67 13.26 36.04
N PHE D 18 -28.02 12.11 36.19
CA PHE D 18 -28.23 10.98 35.28
C PHE D 18 -29.72 10.69 35.09
N GLY D 19 -30.49 10.81 36.16
CA GLY D 19 -31.92 10.54 36.12
C GLY D 19 -32.75 11.52 35.30
N GLU D 20 -32.14 12.62 34.87
CA GLU D 20 -32.79 13.56 33.95
C GLU D 20 -33.13 12.91 32.59
N PHE D 43 -34.65 10.04 43.29
CA PHE D 43 -33.47 10.38 42.44
C PHE D 43 -32.30 10.78 43.30
N SER D 44 -32.43 11.96 43.90
CA SER D 44 -31.45 12.49 44.85
C SER D 44 -31.20 11.51 45.98
N HIS D 45 -32.23 10.76 46.37
CA HIS D 45 -32.10 9.69 47.37
C HIS D 45 -31.27 8.50 46.93
N LEU D 46 -31.51 8.02 45.72
CA LEU D 46 -30.64 7.03 45.06
C LEU D 46 -29.15 7.44 45.01
N CYS D 47 -28.87 8.73 44.85
CA CYS D 47 -27.47 9.21 44.78
C CYS D 47 -26.87 9.37 46.18
N LEU D 48 -27.72 9.77 47.12
CA LEU D 48 -27.32 9.97 48.52
C LEU D 48 -26.89 8.61 49.03
N VAL D 49 -27.86 7.71 48.97
CA VAL D 49 -27.74 6.38 49.48
C VAL D 49 -26.70 5.49 48.75
N GLY D 50 -26.20 5.94 47.58
CA GLY D 50 -25.12 5.22 46.91
C GLY D 50 -25.53 3.87 46.32
N ASN D 51 -26.45 3.91 45.35
CA ASN D 51 -27.08 2.68 44.85
C ASN D 51 -26.68 2.37 43.43
N PRO D 52 -26.38 1.10 43.14
CA PRO D 52 -26.04 0.76 41.75
C PRO D 52 -27.26 0.91 40.84
N VAL D 53 -27.06 1.41 39.62
CA VAL D 53 -28.10 1.26 38.61
C VAL D 53 -27.84 -0.01 37.84
N LEU D 54 -26.58 -0.36 37.65
CA LEU D 54 -26.26 -1.65 37.05
C LEU D 54 -25.19 -2.35 37.87
N LYS D 55 -25.36 -3.66 38.05
CA LYS D 55 -24.48 -4.41 38.93
C LYS D 55 -23.93 -5.70 38.33
N ASN D 56 -22.61 -5.88 38.40
CA ASN D 56 -21.93 -7.12 37.98
C ASN D 56 -22.23 -7.51 36.54
N ILE D 57 -22.18 -6.54 35.63
CA ILE D 57 -22.59 -6.83 34.27
C ILE D 57 -21.44 -7.42 33.49
N ASN D 58 -21.65 -8.61 32.91
CA ASN D 58 -20.62 -9.22 32.09
C ASN D 58 -21.13 -9.48 30.69
N LEU D 59 -20.33 -9.07 29.70
CA LEU D 59 -20.62 -9.45 28.32
C LEU D 59 -19.40 -9.36 27.43
N ASN D 60 -19.39 -10.23 26.43
CA ASN D 60 -18.34 -10.26 25.44
C ASN D 60 -18.94 -10.48 24.05
N ILE D 61 -18.96 -9.41 23.25
CA ILE D 61 -19.65 -9.43 21.96
C ILE D 61 -18.60 -9.27 20.87
N GLU D 62 -18.57 -10.20 19.93
CA GLU D 62 -17.58 -10.16 18.84
C GLU D 62 -18.00 -9.18 17.72
N LYS D 63 -17.02 -8.64 16.98
CA LYS D 63 -17.30 -7.88 15.76
C LYS D 63 -18.38 -8.60 14.92
N GLY D 64 -19.42 -7.85 14.53
CA GLY D 64 -20.40 -8.39 13.60
C GLY D 64 -21.49 -9.27 14.23
N GLU D 65 -21.47 -9.34 15.55
CA GLU D 65 -22.47 -10.08 16.32
C GLU D 65 -23.64 -9.19 16.72
N MET D 66 -24.74 -9.82 17.09
CA MET D 66 -25.90 -9.09 17.58
C MET D 66 -26.22 -9.52 19.02
N LEU D 67 -26.29 -8.54 19.91
CA LEU D 67 -26.66 -8.76 21.32
C LEU D 67 -28.11 -8.29 21.45
N ALA D 68 -28.99 -9.19 21.88
CA ALA D 68 -30.35 -8.78 22.22
C ALA D 68 -30.44 -8.58 23.73
N ILE D 69 -30.79 -7.38 24.15
CA ILE D 69 -30.99 -7.07 25.56
C ILE D 69 -32.48 -6.95 25.88
N THR D 70 -32.97 -7.80 26.78
CA THR D 70 -34.33 -7.64 27.26
C THR D 70 -34.37 -7.70 28.80
N GLY D 71 -35.57 -7.84 29.36
CA GLY D 71 -35.68 -7.80 30.81
C GLY D 71 -36.99 -7.18 31.27
N SER D 72 -37.10 -7.00 32.59
CA SER D 72 -38.34 -6.49 33.15
C SER D 72 -38.30 -5.00 32.98
N THR D 73 -39.47 -4.37 33.04
CA THR D 73 -39.48 -2.94 32.79
C THR D 73 -38.75 -2.20 33.90
N GLY D 74 -37.97 -1.19 33.54
CA GLY D 74 -37.17 -0.47 34.50
C GLY D 74 -35.90 -1.17 35.00
N SER D 75 -35.46 -2.22 34.28
CA SER D 75 -34.33 -3.02 34.76
C SER D 75 -32.95 -2.46 34.43
N GLY D 76 -32.89 -1.24 33.91
CA GLY D 76 -31.61 -0.67 33.48
C GLY D 76 -31.15 -0.86 32.03
N LYS D 77 -32.02 -1.39 31.16
CA LYS D 77 -31.74 -1.59 29.72
C LYS D 77 -31.16 -0.35 29.02
N THR D 78 -31.87 0.77 29.03
CA THR D 78 -31.35 2.02 28.48
C THR D 78 -30.07 2.45 29.17
N SER D 79 -29.99 2.21 30.47
CA SER D 79 -28.89 2.71 31.30
C SER D 79 -27.62 2.04 30.82
N LEU D 80 -27.70 0.74 30.52
CA LEU D 80 -26.57 0.01 29.93
C LEU D 80 -26.10 0.61 28.60
N LEU D 81 -27.01 1.14 27.79
CA LEU D 81 -26.63 1.79 26.54
C LEU D 81 -25.92 3.12 26.87
N MET D 82 -26.45 3.86 27.85
CA MET D 82 -25.81 5.10 28.28
C MET D 82 -24.39 4.83 28.78
N LEU D 83 -24.20 3.69 29.41
CA LEU D 83 -22.89 3.30 29.90
C LEU D 83 -21.94 3.26 28.71
N ILE D 84 -22.34 2.54 27.67
CA ILE D 84 -21.56 2.48 26.45
C ILE D 84 -21.32 3.84 25.80
N LEU D 85 -22.29 4.74 25.93
CA LEU D 85 -22.14 6.08 25.35
C LEU D 85 -21.29 6.98 26.25
N GLY D 86 -20.93 6.47 27.42
CA GLY D 86 -20.11 7.27 28.32
C GLY D 86 -20.86 8.39 29.03
N GLU D 87 -22.19 8.27 29.18
CA GLU D 87 -22.95 9.21 30.01
C GLU D 87 -23.01 8.70 31.45
N LEU D 88 -22.66 7.43 31.63
CA LEU D 88 -22.67 6.80 32.94
C LEU D 88 -21.30 6.14 33.02
N GLU D 89 -20.68 6.19 34.19
CA GLU D 89 -19.34 5.62 34.29
C GLU D 89 -19.36 4.35 35.11
N ALA D 90 -18.60 3.35 34.67
CA ALA D 90 -18.36 2.16 35.47
C ALA D 90 -17.56 2.57 36.70
N SER D 91 -18.02 2.18 37.88
CA SER D 91 -17.29 2.48 39.11
C SER D 91 -16.39 1.29 39.35
N GLU D 92 -16.92 0.11 39.10
CA GLU D 92 -16.10 -1.11 39.07
C GLU D 92 -16.08 -1.65 37.65
N GLY D 93 -15.12 -2.50 37.34
CA GLY D 93 -15.22 -3.25 36.11
C GLY D 93 -14.48 -2.61 34.94
N ILE D 94 -14.37 -3.39 33.87
CA ILE D 94 -13.75 -2.95 32.63
C ILE D 94 -14.74 -2.94 31.45
N ILE D 95 -14.76 -1.81 30.74
CA ILE D 95 -15.49 -1.71 29.47
C ILE D 95 -14.55 -1.38 28.27
N LYS D 96 -14.50 -2.29 27.29
CA LYS D 96 -13.65 -2.09 26.12
C LYS D 96 -14.50 -2.05 24.86
N HIS D 97 -14.45 -0.95 24.12
CA HIS D 97 -14.97 -0.95 22.76
C HIS D 97 -14.34 0.13 21.92
N SER D 98 -14.70 -0.06 20.63
CA SER D 98 -13.97 0.63 19.58
C SER D 98 -14.69 1.88 19.10
N GLY D 99 -14.99 2.76 20.05
CA GLY D 99 -15.01 4.17 19.73
C GLY D 99 -16.27 4.71 19.09
N ARG D 100 -16.44 4.52 17.77
CA ARG D 100 -17.52 5.17 17.00
C ARG D 100 -18.83 4.40 17.02
N VAL D 101 -19.83 5.00 17.70
CA VAL D 101 -21.09 4.26 17.87
C VAL D 101 -22.25 5.09 17.35
N SER D 102 -23.27 4.40 16.87
CA SER D 102 -24.50 5.02 16.40
C SER D 102 -25.64 4.58 17.35
N PHE D 103 -26.40 5.55 17.86
CA PHE D 103 -27.42 5.31 18.86
C PHE D 103 -28.81 5.70 18.35
N CYS D 104 -29.74 4.75 18.40
CA CYS D 104 -31.15 4.96 18.09
C CYS D 104 -31.94 4.85 19.38
N SER D 105 -32.43 5.96 19.93
CA SER D 105 -33.04 5.98 21.25
C SER D 105 -34.50 5.56 21.25
N GLN D 106 -34.98 5.23 22.44
CA GLN D 106 -36.36 4.84 22.63
C GLN D 106 -37.27 5.94 22.08
N PHE D 107 -37.06 7.16 22.53
CA PHE D 107 -37.76 8.33 22.02
C PHE D 107 -37.32 8.64 20.60
N SER D 108 -38.26 8.53 19.65
CA SER D 108 -38.02 8.88 18.24
C SER D 108 -38.00 10.39 18.02
N TRP D 109 -36.82 10.99 17.85
CA TRP D 109 -36.80 12.42 17.57
C TRP D 109 -36.76 12.77 16.07
N ILE D 110 -37.39 13.89 15.73
CA ILE D 110 -37.55 14.33 14.35
C ILE D 110 -37.18 15.81 14.33
N MET D 111 -36.19 16.18 13.52
CA MET D 111 -35.78 17.59 13.38
C MET D 111 -36.63 18.27 12.31
N PRO D 112 -36.80 19.58 12.41
CA PRO D 112 -37.39 20.32 11.29
C PRO D 112 -36.69 19.99 9.97
N GLY D 113 -37.47 19.72 8.94
CA GLY D 113 -36.89 19.40 7.65
C GLY D 113 -37.61 18.24 6.97
N THR D 114 -37.09 17.84 5.82
CA THR D 114 -37.68 16.72 5.08
C THR D 114 -37.41 15.39 5.76
N ILE D 115 -38.17 14.39 5.34
CA ILE D 115 -37.86 13.04 5.77
C ILE D 115 -36.42 12.70 5.42
N LYS D 116 -35.99 13.09 4.23
CA LYS D 116 -34.66 12.69 3.79
C LYS D 116 -33.64 13.41 4.68
N GLU D 117 -33.88 14.69 4.94
CA GLU D 117 -32.94 15.44 5.76
C GLU D 117 -32.83 14.80 7.15
N ASN D 118 -33.96 14.33 7.70
CA ASN D 118 -33.92 13.63 8.98
C ASN D 118 -33.11 12.34 8.98
N ILE D 119 -33.10 11.62 7.87
CA ILE D 119 -32.37 10.35 7.82
C ILE D 119 -30.85 10.59 7.70
N ILE D 120 -30.43 11.46 6.79
CA ILE D 120 -29.00 11.78 6.62
C ILE D 120 -28.53 12.92 7.56
N PHE D 121 -29.28 13.20 8.62
CA PHE D 121 -29.00 14.34 9.46
C PHE D 121 -27.49 14.53 9.77
N GLY D 122 -26.89 15.53 9.13
CA GLY D 122 -25.53 15.89 9.44
C GLY D 122 -24.40 15.04 8.86
N VAL D 123 -24.72 14.12 7.94
CA VAL D 123 -23.76 13.14 7.44
C VAL D 123 -23.69 13.25 5.92
N SER D 124 -22.58 12.83 5.30
CA SER D 124 -22.48 13.06 3.86
C SER D 124 -23.39 12.13 3.10
N TYR D 125 -24.05 12.67 2.07
CA TYR D 125 -25.05 11.94 1.29
C TYR D 125 -24.38 10.93 0.36
N ASP D 126 -24.95 9.75 0.30
CA ASP D 126 -24.53 8.70 -0.60
C ASP D 126 -25.81 8.05 -1.12
N GLU D 127 -26.18 8.36 -2.35
CA GLU D 127 -27.41 7.89 -2.95
C GLU D 127 -27.77 6.42 -2.70
N TYR D 128 -26.84 5.52 -3.00
CA TYR D 128 -27.12 4.11 -2.96
C TYR D 128 -27.19 3.59 -1.49
N ARG D 129 -26.44 4.20 -0.58
CA ARG D 129 -26.53 3.78 0.83
C ARG D 129 -27.93 4.20 1.34
N TYR D 130 -28.28 5.42 1.04
CA TYR D 130 -29.56 5.95 1.41
C TYR D 130 -30.74 5.09 0.93
N LYS D 131 -30.79 4.83 -0.38
CA LYS D 131 -31.84 3.99 -0.95
C LYS D 131 -31.89 2.63 -0.27
N SER D 132 -30.72 2.12 0.07
CA SER D 132 -30.59 0.80 0.65
C SER D 132 -31.18 0.75 2.09
N VAL D 133 -30.91 1.79 2.87
CA VAL D 133 -31.41 1.92 4.22
C VAL D 133 -32.91 2.18 4.21
N VAL D 134 -33.31 3.11 3.36
CA VAL D 134 -34.72 3.42 3.26
C VAL D 134 -35.50 2.12 2.97
N LYS D 135 -34.97 1.29 2.08
CA LYS D 135 -35.73 0.14 1.65
C LYS D 135 -35.82 -0.85 2.78
N ALA D 136 -34.68 -1.14 3.41
CA ALA D 136 -34.58 -2.16 4.46
C ALA D 136 -35.37 -1.77 5.69
N CYS D 137 -35.52 -0.45 5.94
CA CYS D 137 -36.28 0.04 7.08
C CYS D 137 -37.77 0.11 6.78
N GLN D 138 -38.15 -0.40 5.61
CA GLN D 138 -39.56 -0.42 5.22
C GLN D 138 -40.18 0.96 5.17
N LEU D 139 -39.42 1.94 4.69
CA LEU D 139 -39.94 3.30 4.55
C LEU D 139 -40.50 3.60 3.15
N GLN D 140 -40.15 2.79 2.16
CA GLN D 140 -40.68 2.95 0.80
C GLN D 140 -42.23 2.99 0.85
N GLN D 141 -42.82 2.07 1.60
CA GLN D 141 -44.26 1.98 1.79
C GLN D 141 -44.85 3.25 2.41
N ASP D 142 -44.06 3.92 3.24
CA ASP D 142 -44.49 5.16 3.84
C ASP D 142 -44.38 6.35 2.88
N ILE D 143 -43.21 6.54 2.28
CA ILE D 143 -42.98 7.81 1.57
C ILE D 143 -43.79 7.84 0.28
N THR D 144 -44.15 6.67 -0.19
CA THR D 144 -44.92 6.56 -1.41
C THR D 144 -46.36 7.09 -1.23
N LYS D 145 -46.80 7.25 0.00
CA LYS D 145 -48.13 7.81 0.28
C LYS D 145 -48.11 9.30 0.17
N PHE D 146 -46.92 9.90 0.09
CA PHE D 146 -46.78 11.35 0.19
C PHE D 146 -46.53 12.00 -1.17
N ALA D 147 -47.18 13.14 -1.45
CA ALA D 147 -47.00 13.84 -2.73
C ALA D 147 -45.53 14.08 -3.08
N GLU D 148 -44.70 14.56 -2.14
CA GLU D 148 -43.28 14.84 -2.38
C GLU D 148 -42.41 13.71 -1.88
N GLN D 149 -43.05 12.60 -1.58
CA GLN D 149 -42.37 11.45 -1.02
C GLN D 149 -41.36 11.83 0.05
N ASP D 150 -40.20 11.26 -0.15
CA ASP D 150 -38.94 11.64 0.41
C ASP D 150 -38.68 13.09 0.86
N ASN D 151 -39.19 14.04 0.10
CA ASN D 151 -38.88 15.43 0.33
C ASN D 151 -40.05 16.10 1.03
N THR D 152 -40.94 15.28 1.57
CA THR D 152 -42.00 15.80 2.42
C THR D 152 -41.36 16.45 3.64
N VAL D 153 -41.83 17.66 3.97
CA VAL D 153 -41.32 18.45 5.07
C VAL D 153 -42.04 18.03 6.36
N LEU D 154 -41.26 17.68 7.37
CA LEU D 154 -41.78 17.38 8.69
C LEU D 154 -41.55 18.57 9.61
N GLY D 155 -42.58 18.97 10.36
CA GLY D 155 -42.34 19.75 11.56
C GLY D 155 -41.64 19.07 12.74
N GLU D 156 -41.10 19.87 13.66
CA GLU D 156 -40.47 19.31 14.87
C GLU D 156 -41.38 18.23 15.50
N GLY D 157 -40.79 17.10 15.88
CA GLY D 157 -41.58 16.01 16.43
C GLY D 157 -42.35 15.17 15.40
N GLY D 158 -42.43 15.62 14.14
CA GLY D 158 -43.10 14.82 13.12
C GLY D 158 -44.42 14.25 13.61
N VAL D 159 -45.25 15.16 14.09
CA VAL D 159 -46.30 14.89 15.06
C VAL D 159 -47.50 14.16 14.44
N THR D 160 -47.77 14.38 13.14
CA THR D 160 -48.92 13.77 12.47
C THR D 160 -48.55 12.42 11.83
N LEU D 161 -47.29 12.02 11.99
CA LEU D 161 -46.84 10.69 11.55
C LEU D 161 -47.33 9.68 12.61
N SER D 162 -47.32 8.39 12.29
CA SER D 162 -47.53 7.38 13.32
C SER D 162 -46.24 7.18 14.16
N GLY D 163 -46.39 6.49 15.28
CA GLY D 163 -45.26 6.12 16.07
C GLY D 163 -44.33 5.18 15.34
N GLY D 164 -44.92 4.22 14.60
CA GLY D 164 -44.12 3.32 13.76
C GLY D 164 -43.32 4.08 12.70
N GLN D 165 -43.93 5.06 12.04
CA GLN D 165 -43.26 5.89 11.04
C GLN D 165 -42.09 6.69 11.64
N ARG D 166 -42.31 7.31 12.79
CA ARG D 166 -41.23 8.04 13.46
C ARG D 166 -40.10 7.12 13.85
N ALA D 167 -40.44 5.93 14.30
CA ALA D 167 -39.42 4.99 14.74
C ALA D 167 -38.58 4.46 13.55
N ARG D 168 -39.23 4.20 12.40
CA ARG D 168 -38.54 3.79 11.19
C ARG D 168 -37.60 4.86 10.66
N ILE D 169 -38.05 6.11 10.66
CA ILE D 169 -37.21 7.23 10.23
C ILE D 169 -35.99 7.36 11.18
N SER D 170 -36.26 7.18 12.46
CA SER D 170 -35.25 7.28 13.48
C SER D 170 -34.29 6.06 13.44
N LEU D 171 -34.81 4.87 13.13
CA LEU D 171 -33.97 3.71 12.89
C LEU D 171 -33.05 3.93 11.65
N ALA D 172 -33.64 4.44 10.56
CA ALA D 172 -32.93 4.62 9.29
C ALA D 172 -31.76 5.58 9.53
N ARG D 173 -32.03 6.66 10.27
CA ARG D 173 -31.00 7.64 10.61
C ARG D 173 -29.81 6.95 11.27
N ALA D 174 -30.10 6.12 12.28
CA ALA D 174 -29.04 5.47 13.04
C ALA D 174 -28.28 4.47 12.19
N VAL D 175 -29.01 3.78 11.31
CA VAL D 175 -28.44 2.76 10.45
C VAL D 175 -27.64 3.36 9.28
N TYR D 176 -28.06 4.53 8.82
CA TYR D 176 -27.39 5.20 7.75
C TYR D 176 -25.99 5.66 8.15
N LYS D 177 -25.87 6.15 9.38
CA LYS D 177 -24.60 6.54 9.97
C LYS D 177 -23.64 5.37 9.87
N ASP D 178 -22.45 5.61 9.32
CA ASP D 178 -21.42 4.57 9.31
C ASP D 178 -20.76 4.51 10.69
N ALA D 179 -20.77 3.34 11.31
CA ALA D 179 -20.26 3.25 12.67
C ALA D 179 -19.80 1.84 12.96
N ASP D 180 -19.04 1.67 14.03
CA ASP D 180 -18.55 0.36 14.39
C ASP D 180 -19.52 -0.38 15.30
N LEU D 181 -20.36 0.37 16.01
CA LEU D 181 -21.29 -0.27 16.93
C LEU D 181 -22.63 0.45 16.94
N TYR D 182 -23.70 -0.32 16.79
CA TYR D 182 -25.07 0.21 16.70
C TYR D 182 -25.89 -0.16 17.94
N LEU D 183 -26.41 0.88 18.57
CA LEU D 183 -27.22 0.73 19.75
C LEU D 183 -28.67 1.06 19.41
N LEU D 184 -29.50 0.04 19.40
CA LEU D 184 -30.90 0.19 19.01
C LEU D 184 -31.78 -0.03 20.24
N ASP D 185 -32.26 1.06 20.83
CA ASP D 185 -33.13 1.00 21.99
C ASP D 185 -34.63 0.91 21.63
N SER D 186 -35.15 -0.30 21.51
CA SER D 186 -36.60 -0.52 21.51
C SER D 186 -37.34 0.06 20.32
N PRO D 187 -36.78 -0.06 19.11
CA PRO D 187 -37.50 0.54 17.99
C PRO D 187 -38.81 -0.20 17.73
N PHE D 188 -38.88 -1.45 18.17
CA PHE D 188 -39.96 -2.33 17.76
C PHE D 188 -41.09 -2.43 18.80
N GLY D 189 -41.83 -1.35 18.96
CA GLY D 189 -42.72 -1.22 20.09
C GLY D 189 -44.10 -0.73 19.78
N TYR D 190 -44.54 -0.87 18.52
CA TYR D 190 -45.76 -0.18 18.07
C TYR D 190 -46.75 -1.20 17.53
N LEU D 191 -47.93 -0.71 17.17
CA LEU D 191 -49.02 -1.58 16.76
C LEU D 191 -48.84 -2.25 15.41
N ASP D 192 -48.18 -1.60 14.45
CA ASP D 192 -48.04 -2.17 13.11
C ASP D 192 -46.96 -3.25 13.08
N VAL D 193 -47.38 -4.43 13.48
CA VAL D 193 -46.50 -5.38 14.11
C VAL D 193 -45.93 -6.24 12.99
N PHE D 194 -46.70 -6.43 11.93
CA PHE D 194 -46.18 -7.06 10.70
C PHE D 194 -45.05 -6.25 10.01
N THR D 195 -45.18 -4.94 9.96
CA THR D 195 -44.10 -4.13 9.42
C THR D 195 -42.84 -4.27 10.27
N GLU D 196 -43.03 -4.33 11.60
CA GLU D 196 -41.90 -4.40 12.53
C GLU D 196 -41.12 -5.68 12.32
N GLU D 197 -41.85 -6.74 12.03
CA GLU D 197 -41.26 -8.02 11.72
C GLU D 197 -40.43 -7.96 10.43
N GLN D 198 -40.96 -7.31 9.38
CA GLN D 198 -40.21 -7.21 8.12
C GLN D 198 -38.96 -6.39 8.41
N VAL D 199 -39.08 -5.33 9.20
CA VAL D 199 -37.94 -4.46 9.48
C VAL D 199 -36.87 -5.18 10.24
N PHE D 200 -37.27 -5.99 11.21
CA PHE D 200 -36.30 -6.73 11.95
C PHE D 200 -35.53 -7.66 11.00
N GLU D 201 -36.26 -8.39 10.16
CA GLU D 201 -35.69 -9.26 9.13
C GLU D 201 -34.75 -8.50 8.16
N SER D 202 -35.27 -7.45 7.52
CA SER D 202 -34.60 -6.82 6.38
C SER D 202 -33.46 -5.92 6.77
N CYS D 203 -33.66 -5.21 7.86
CA CYS D 203 -32.68 -4.29 8.36
C CYS D 203 -31.71 -4.96 9.34
N VAL D 204 -32.23 -5.48 10.45
CA VAL D 204 -31.40 -5.84 11.58
C VAL D 204 -30.68 -7.14 11.34
N CYS D 205 -31.37 -8.10 10.70
CA CYS D 205 -30.75 -9.37 10.35
C CYS D 205 -29.99 -9.42 9.00
N LYS D 206 -30.50 -8.77 7.94
CA LYS D 206 -29.86 -8.91 6.61
C LYS D 206 -28.96 -7.76 6.27
N LEU D 207 -29.52 -6.58 6.05
CA LEU D 207 -28.68 -5.40 5.84
C LEU D 207 -27.52 -5.33 6.83
N MET D 208 -27.79 -5.53 8.12
CA MET D 208 -26.81 -5.23 9.17
C MET D 208 -26.06 -6.49 9.65
N ALA D 209 -26.19 -7.57 8.92
CA ALA D 209 -25.67 -8.85 9.36
C ALA D 209 -24.20 -8.82 9.85
N ASN D 210 -23.43 -7.87 9.35
CA ASN D 210 -22.01 -7.83 9.64
C ASN D 210 -21.63 -6.64 10.52
N LYS D 211 -22.62 -5.91 11.02
CA LYS D 211 -22.34 -4.81 11.94
C LYS D 211 -22.52 -5.34 13.33
N THR D 212 -21.64 -4.93 14.24
CA THR D 212 -21.84 -5.24 15.64
C THR D 212 -23.03 -4.42 16.11
N ARG D 213 -24.06 -5.09 16.59
CA ARG D 213 -25.23 -4.37 17.02
C ARG D 213 -25.86 -4.84 18.33
N ILE D 214 -26.40 -3.89 19.06
CA ILE D 214 -27.16 -4.19 20.26
C ILE D 214 -28.61 -3.72 20.12
N LEU D 215 -29.53 -4.66 20.32
CA LEU D 215 -30.96 -4.41 20.19
C LEU D 215 -31.62 -4.60 21.55
N VAL D 216 -32.18 -3.53 22.08
CA VAL D 216 -33.04 -3.65 23.26
C VAL D 216 -34.45 -3.96 22.75
N THR D 217 -35.01 -5.04 23.25
CA THR D 217 -36.24 -5.57 22.66
C THR D 217 -37.15 -6.23 23.70
N SER D 218 -38.39 -6.49 23.35
CA SER D 218 -39.22 -7.34 24.19
C SER D 218 -39.88 -8.43 23.37
N LYS D 219 -39.24 -8.84 22.28
CA LYS D 219 -39.79 -9.90 21.43
C LYS D 219 -38.91 -11.12 21.44
N MET D 220 -39.53 -12.30 21.45
CA MET D 220 -38.80 -13.54 21.66
C MET D 220 -38.09 -13.98 20.39
N GLU D 221 -38.71 -13.72 19.24
CA GLU D 221 -38.07 -13.89 17.93
C GLU D 221 -36.68 -13.25 17.88
N HIS D 222 -36.51 -12.08 18.49
CA HIS D 222 -35.24 -11.35 18.44
C HIS D 222 -34.17 -12.04 19.29
N LEU D 223 -34.62 -12.71 20.34
CA LEU D 223 -33.73 -13.49 21.19
C LEU D 223 -33.35 -14.75 20.42
N ARG D 224 -34.33 -15.33 19.74
CA ARG D 224 -34.10 -16.55 18.98
C ARG D 224 -33.06 -16.34 17.88
N LYS D 225 -33.05 -15.15 17.27
CA LYS D 225 -32.16 -14.85 16.16
C LYS D 225 -30.85 -14.22 16.62
N ALA D 226 -30.77 -13.85 17.89
CA ALA D 226 -29.61 -13.12 18.37
C ALA D 226 -28.39 -14.03 18.46
N ASP D 227 -27.20 -13.43 18.53
CA ASP D 227 -26.02 -14.25 18.75
C ASP D 227 -25.84 -14.43 20.26
N LYS D 228 -26.10 -13.37 21.02
CA LYS D 228 -26.00 -13.42 22.47
C LYS D 228 -27.17 -12.67 23.07
N ILE D 229 -27.52 -13.01 24.31
CA ILE D 229 -28.70 -12.50 24.98
C ILE D 229 -28.38 -12.01 26.40
N LEU D 230 -28.70 -10.75 26.73
CA LEU D 230 -28.66 -10.24 28.11
C LEU D 230 -30.10 -10.05 28.59
N ILE D 231 -30.45 -10.68 29.71
CA ILE D 231 -31.71 -10.37 30.38
C ILE D 231 -31.42 -9.67 31.71
N LEU D 232 -31.98 -8.48 31.88
CA LEU D 232 -31.71 -7.67 33.03
C LEU D 232 -32.94 -7.68 33.98
N HIS D 233 -32.69 -7.56 35.29
CA HIS D 233 -33.76 -7.39 36.27
C HIS D 233 -33.21 -6.56 37.44
N GLN D 234 -33.88 -5.46 37.76
CA GLN D 234 -33.50 -4.65 38.92
C GLN D 234 -32.02 -4.31 38.86
N GLY D 235 -31.50 -4.14 37.65
CA GLY D 235 -30.15 -3.63 37.49
C GLY D 235 -29.06 -4.68 37.51
N SER D 236 -29.44 -5.97 37.52
CA SER D 236 -28.45 -7.03 37.36
C SER D 236 -28.81 -8.11 36.33
N SER D 237 -27.81 -8.95 36.06
CA SER D 237 -27.85 -9.89 34.95
C SER D 237 -28.64 -11.12 35.42
N TYR D 238 -29.87 -11.24 34.94
CA TYR D 238 -30.68 -12.42 35.22
C TYR D 238 -30.17 -13.58 34.39
N PHE D 239 -29.48 -13.26 33.31
CA PHE D 239 -28.95 -14.27 32.37
C PHE D 239 -28.11 -13.65 31.27
N TYR D 240 -27.10 -14.38 30.82
CA TYR D 240 -26.29 -13.99 29.69
C TYR D 240 -25.79 -15.25 28.99
N GLY D 241 -26.04 -15.35 27.69
CA GLY D 241 -25.56 -16.49 26.94
C GLY D 241 -26.35 -16.65 25.67
N THR D 242 -26.25 -17.81 25.04
CA THR D 242 -26.92 -18.01 23.77
C THR D 242 -28.36 -18.43 24.02
N PHE D 243 -29.16 -18.46 22.96
CA PHE D 243 -30.55 -18.80 23.09
C PHE D 243 -30.66 -20.23 23.62
N SER D 244 -29.84 -21.13 23.05
CA SER D 244 -29.83 -22.53 23.48
C SER D 244 -29.57 -22.61 24.99
N GLU D 245 -28.52 -21.92 25.47
CA GLU D 245 -28.22 -21.90 26.89
C GLU D 245 -29.37 -21.36 27.74
N LEU D 246 -30.18 -20.48 27.16
CA LEU D 246 -31.27 -19.86 27.90
C LEU D 246 -32.37 -20.86 28.18
N GLN D 247 -32.63 -21.75 27.23
CA GLN D 247 -33.64 -22.78 27.45
C GLN D 247 -33.19 -23.84 28.45
N SER D 248 -31.90 -24.15 28.47
CA SER D 248 -31.37 -25.16 29.39
C SER D 248 -31.26 -24.59 30.79
N LEU D 249 -30.62 -23.44 30.90
CA LEU D 249 -30.25 -22.88 32.18
C LEU D 249 -31.34 -21.99 32.82
N ARG D 250 -32.41 -21.72 32.09
CA ARG D 250 -33.51 -20.93 32.64
C ARG D 250 -34.82 -21.49 32.14
N PRO D 251 -35.03 -22.80 32.33
CA PRO D 251 -36.08 -23.55 31.62
C PRO D 251 -37.48 -23.07 31.95
N ASP D 252 -37.63 -22.45 33.13
CA ASP D 252 -38.94 -22.01 33.61
C ASP D 252 -39.36 -20.70 32.93
N PHE D 253 -38.41 -19.78 32.85
CA PHE D 253 -38.56 -18.59 32.03
C PHE D 253 -38.97 -19.03 30.61
N SER D 254 -38.11 -19.83 29.99
CA SER D 254 -38.26 -20.19 28.59
C SER D 254 -39.60 -20.82 28.24
N SER D 255 -40.03 -21.81 29.03
CA SER D 255 -41.23 -22.55 28.66
C SER D 255 -42.42 -21.62 28.84
N LYS D 256 -42.34 -20.74 29.84
CA LYS D 256 -43.42 -19.80 30.06
C LYS D 256 -43.55 -18.95 28.79
N LEU D 257 -42.42 -18.40 28.35
CA LEU D 257 -42.45 -17.38 27.31
C LEU D 257 -42.63 -17.95 25.92
N MET D 258 -42.12 -19.17 25.70
CA MET D 258 -42.36 -19.85 24.43
C MET D 258 -43.74 -20.49 24.47
N GLY D 259 -44.35 -20.50 25.64
CA GLY D 259 -45.63 -21.17 25.79
C GLY D 259 -46.70 -20.48 24.98
N TYR D 260 -46.58 -19.16 24.91
CA TYR D 260 -47.52 -18.35 24.17
C TYR D 260 -47.47 -18.68 22.67
N ASP D 261 -48.58 -18.44 21.98
CA ASP D 261 -48.63 -18.68 20.54
C ASP D 261 -48.04 -17.49 19.77
N THR D 262 -48.55 -16.30 20.07
CA THR D 262 -48.16 -15.10 19.34
C THR D 262 -47.78 -14.01 20.33
N PHE D 263 -46.81 -14.32 21.18
CA PHE D 263 -46.35 -13.39 22.19
C PHE D 263 -45.83 -12.10 21.55
N ASP D 264 -45.06 -12.26 20.49
CA ASP D 264 -44.45 -11.13 19.81
C ASP D 264 -45.47 -10.18 19.21
N GLN D 265 -46.70 -10.65 19.05
CA GLN D 265 -47.76 -9.75 18.61
C GLN D 265 -48.61 -9.09 19.67
N PHE D 266 -48.31 -9.30 20.96
CA PHE D 266 -48.96 -8.55 22.03
C PHE D 266 -48.41 -7.13 21.98
N THR D 267 -49.12 -6.21 22.62
CA THR D 267 -48.64 -4.86 22.73
C THR D 267 -47.33 -4.86 23.50
N GLU D 268 -46.54 -3.83 23.27
CA GLU D 268 -45.28 -3.69 23.98
C GLU D 268 -45.50 -3.68 25.52
N GLU D 269 -46.52 -2.97 26.00
CA GLU D 269 -46.83 -2.92 27.42
C GLU D 269 -47.12 -4.34 27.96
N ARG D 270 -47.93 -5.11 27.22
CA ARG D 270 -48.24 -6.49 27.62
C ARG D 270 -47.02 -7.40 27.58
N ARG D 271 -46.15 -7.25 26.59
CA ARG D 271 -44.95 -8.07 26.53
C ARG D 271 -44.10 -7.78 27.76
N SEP D 272 -44.04 -6.51 28.12
CA SEP D 272 -43.26 -6.06 29.27
CB SEP D 272 -43.11 -4.56 29.27
OG SEP D 272 -41.98 -4.28 28.48
C SEP D 272 -43.82 -6.51 30.62
O SEP D 272 -43.05 -6.74 31.54
N SEP D 273 -45.15 -6.59 30.73
CA SEP D 273 -45.80 -7.06 31.93
CB SEP D 273 -47.29 -6.90 31.85
OG SEP D 273 -47.61 -5.70 32.59
C SEP D 273 -45.47 -8.53 32.13
O SEP D 273 -44.99 -8.94 33.18
P SEP D 273 -49.07 -5.69 33.30
O1P SEP D 273 -49.44 -4.22 33.53
O2P SEP D 273 -49.09 -6.39 34.70
O3P SEP D 273 -49.94 -6.56 32.42
N ILE D 274 -45.69 -9.32 31.09
CA ILE D 274 -45.41 -10.74 31.17
C ILE D 274 -43.92 -10.98 31.47
N LEU D 275 -43.04 -10.26 30.77
CA LEU D 275 -41.61 -10.42 31.01
C LEU D 275 -41.27 -10.14 32.48
N THR D 276 -41.83 -9.06 32.99
CA THR D 276 -41.55 -8.58 34.34
C THR D 276 -42.06 -9.61 35.36
N GLU D 277 -43.29 -10.04 35.17
CA GLU D 277 -43.89 -11.02 36.03
C GLU D 277 -43.04 -12.27 36.02
N THR D 278 -42.61 -12.71 34.84
CA THR D 278 -41.88 -13.97 34.76
C THR D 278 -40.51 -13.86 35.43
N LEU D 279 -39.90 -12.69 35.39
CA LEU D 279 -38.60 -12.47 36.02
C LEU D 279 -38.69 -12.44 37.56
N ARG D 280 -39.88 -12.16 38.06
CA ARG D 280 -40.09 -12.07 39.49
C ARG D 280 -40.31 -13.45 40.10
N ARG D 281 -41.06 -14.29 39.40
CA ARG D 281 -41.26 -15.66 39.83
C ARG D 281 -39.89 -16.31 39.90
N PHE D 282 -39.65 -17.17 38.93
CA PHE D 282 -38.36 -17.81 38.75
C PHE D 282 -37.09 -16.99 39.14
N SEP D 283 -36.68 -17.09 40.41
CA SEP D 283 -35.47 -16.43 41.00
CB SEP D 283 -35.45 -16.67 42.50
OG SEP D 283 -35.91 -15.50 43.15
C SEP D 283 -34.10 -16.86 40.44
O SEP D 283 -34.01 -17.99 39.86
P SEP D 283 -37.16 -15.76 44.11
O1P SEP D 283 -38.42 -15.84 43.13
O2P SEP D 283 -37.35 -14.51 45.15
O3P SEP D 283 -36.69 -17.06 44.94
MG MG E . -22.15 2.25 -30.60
PG ATP F . -23.12 1.35 -34.00
O1G ATP F . -24.31 0.68 -34.56
O2G ATP F . -23.05 1.23 -32.54
O3G ATP F . -21.86 0.88 -34.65
PB ATP F . -22.80 4.22 -33.46
O1B ATP F . -23.45 5.40 -33.89
O2B ATP F . -22.08 4.14 -32.21
O3B ATP F . -23.23 2.94 -34.25
PA ATP F . -20.16 5.38 -34.02
O1A ATP F . -18.98 4.51 -33.96
O2A ATP F . -20.07 6.78 -33.55
O3A ATP F . -21.53 4.71 -34.42
O5' ATP F . -19.66 5.56 -35.38
C5' ATP F . -19.58 5.98 -36.56
C4' ATP F . -18.99 6.75 -37.73
O4' ATP F . -17.70 6.09 -37.95
C3' ATP F . -19.97 6.29 -38.74
O3' ATP F . -20.06 7.13 -39.88
C2' ATP F . -19.49 4.82 -39.02
O2' ATP F . -19.87 4.33 -40.31
C1' ATP F . -17.94 4.86 -38.78
N9 ATP F . -17.38 3.70 -37.99
C8 ATP F . -17.61 3.31 -36.64
N7 ATP F . -16.96 2.26 -36.24
C5 ATP F . -16.23 1.92 -37.40
C6 ATP F . -15.28 0.86 -37.69
N6 ATP F . -14.95 -0.05 -36.77
N1 ATP F . -14.74 0.80 -38.98
C2 ATP F . -15.06 1.70 -39.93
N3 ATP F . -15.92 2.73 -39.77
C4 ATP F . -16.48 2.79 -38.46
C ACY G . -13.87 -17.55 -17.61
O ACY G . -13.11 -16.52 -17.41
OXT ACY G . -14.68 -17.75 -18.57
CH3 ACY G . -13.74 -18.60 -16.52
MG MG H . 5.35 -8.52 -13.43
PG ATP I . 3.25 -10.74 -12.46
O1G ATP I . 2.95 -12.00 -11.76
O2G ATP I . 4.71 -10.45 -12.41
O3G ATP I . 2.76 -10.64 -13.85
PB ATP I . 2.95 -8.18 -11.09
O1B ATP I . 2.12 -7.71 -10.04
O2B ATP I . 4.23 -7.59 -11.41
O3B ATP I . 2.56 -9.59 -11.62
PA ATP I . 2.27 -6.12 -13.01
O1A ATP I . 2.54 -6.47 -14.39
O2A ATP I . 2.42 -4.72 -12.52
O3A ATP I . 1.97 -7.32 -12.11
O5' ATP I . 0.95 -5.95 -13.55
C5' ATP I . -0.27 -5.70 -13.62
C4' ATP I . -1.51 -4.93 -13.98
O4' ATP I . -1.56 -4.98 -15.44
C3' ATP I . -2.44 -5.95 -13.40
O3' ATP I . -3.75 -5.45 -13.13
C2' ATP I . -2.33 -7.08 -14.47
O2' ATP I . -3.41 -8.01 -14.45
C1' ATP I . -2.13 -6.30 -15.84
N9 ATP I . -1.13 -6.91 -16.77
C8 ATP I . 0.26 -7.20 -16.61
N7 ATP I . 0.84 -7.74 -17.65
C5 ATP I . -0.23 -7.82 -18.56
C6 ATP I . -0.33 -8.31 -19.93
N6 ATP I . 0.73 -8.83 -20.56
N1 ATP I . -1.57 -8.24 -20.58
C2 ATP I . -2.66 -7.74 -19.96
N3 ATP I . -2.69 -7.25 -18.69
C4 ATP I . -1.42 -7.32 -18.04
C ACY J . 24.43 -18.32 -26.59
O ACY J . 24.34 -17.06 -26.76
OXT ACY J . 23.52 -19.10 -26.16
CH3 ACY J . 25.81 -18.87 -26.97
MG MG K . 47.04 12.10 17.03
PG ATP L . 49.23 13.93 15.34
O1G ATP L . 50.00 14.00 14.01
O2G ATP L . 48.57 12.62 15.54
O3G ATP L . 50.07 14.24 16.50
PB ATP L . 46.46 14.86 15.32
O1B ATP L . 45.78 15.83 14.56
O2B ATP L . 45.76 13.66 15.77
O3B ATP L . 48.03 14.94 15.20
PA ATP L . 45.26 15.85 17.84
O1A ATP L . 45.85 15.49 19.11
O2A ATP L . 43.79 16.00 17.69
O3A ATP L . 46.22 15.91 16.61
O5' ATP L . 45.61 17.13 18.35
C5' ATP L . 45.78 18.38 18.48
C4' ATP L . 45.53 19.74 19.09
O4' ATP L . 46.02 19.57 20.43
C3' ATP L . 46.53 20.49 18.28
O3' ATP L . 46.34 21.91 18.33
C2' ATP L . 47.86 19.97 18.91
O2' ATP L . 48.97 20.82 18.69
C1' ATP L . 47.50 19.77 20.43
N9 ATP L . 48.14 18.59 21.09
C8 ATP L . 48.04 17.18 20.88
N7 ATP L . 48.77 16.45 21.69
C5 ATP L . 49.39 17.41 22.49
C6 ATP L . 50.33 17.34 23.59
N6 ATP L . 50.79 16.20 24.06
N1 ATP L . 50.77 18.54 24.17
C2 ATP L . 50.33 19.75 23.73
N3 ATP L . 49.46 19.95 22.72
C4 ATP L . 49.02 18.72 22.13
C ACY M . 56.16 -9.67 25.85
O ACY M . 55.00 -9.41 26.41
OXT ACY M . 56.93 -8.84 25.23
CH3 ACY M . 56.58 -11.13 25.95
MG MG N . -35.50 2.34 28.56
PG ATP O . -37.81 0.82 30.50
O1G ATP O . -38.85 -0.23 30.42
O2G ATP O . -37.23 1.19 29.21
O3G ATP O . -38.29 2.05 31.20
PB ATP O . -34.99 0.33 31.14
O1B ATP O . -34.30 -0.68 31.82
O2B ATP O . -34.35 1.05 30.05
O3B ATP O . -36.54 0.27 31.34
PA ATP O . -33.62 2.62 32.47
O1A ATP O . -34.22 3.95 32.38
O2A ATP O . -32.18 2.38 32.49
O3A ATP O . -34.60 1.36 32.42
O5' ATP O . -33.78 2.90 33.87
C5' ATP O . -33.68 2.60 35.06
C4' ATP O . -33.22 2.86 36.47
O4' ATP O . -33.95 4.05 36.87
C3' ATP O . -33.83 1.61 36.96
O3' ATP O . -33.10 0.95 38.01
C2' ATP O . -35.30 2.06 37.28
O2' ATP O . -35.86 1.38 38.38
C1' ATP O . -35.26 3.63 37.46
N9 ATP O . -36.39 4.42 36.78
C8 ATP O . -37.75 4.07 36.52
N7 ATP O . -38.46 4.99 35.92
C5 ATP O . -37.54 6.04 35.76
C6 ATP O . -37.64 7.36 35.18
N6 ATP O . -38.79 7.84 34.67
N1 ATP O . -36.49 8.19 35.18
C2 ATP O . -35.31 7.74 35.70
N3 ATP O . -35.09 6.52 36.29
C4 ATP O . -36.27 5.71 36.26
C ACY P . -45.66 16.48 10.62
O ACY P . -44.42 16.61 10.98
OXT ACY P . -46.49 15.63 11.06
CH3 ACY P . -46.10 17.47 9.54
#